data_3TK8
#
_entry.id   3TK8
#
_cell.length_a   70.257
_cell.length_b   117.796
_cell.length_c   123.574
_cell.angle_alpha   90.000
_cell.angle_beta   90.000
_cell.angle_gamma   90.000
#
_symmetry.space_group_name_H-M   'P 21 21 21'
#
loop_
_entity.id
_entity.type
_entity.pdbx_description
1 polymer '2,3,4,5-tetrahydropyridine-2,6-dicarboxylate N-succinyltransferase'
2 non-polymer 1,2-ETHANEDIOL
3 non-polymer 'SULFATE ION'
4 non-polymer 'UNKNOWN LIGAND'
5 water water
#
_entity_poly.entity_id   1
_entity_poly.type   'polypeptide(L)'
_entity_poly.pdbx_seq_one_letter_code
;GPGSMRRRRAAHRRFLPRPRPLNARRNAPIHSSSTSSIATNMSQQLQQIIDNAWENRAELSPKAASAEIREAVAHAIEQL
DRGALRVAEKIDGAWTVHQWLKKAVLLSFRLEDNAPMPAGGYSQFYDKVPSKFANYTAEDFAAGGFRVVPPAIARRGSFI
AKNVVLMPSYTNIGAYVDEGTMVDTWATVGSCAQIGKNVHLSGGVGIGGVLEPLQANPVIIEDNCFIGARSEVVEGVIVE
ENSVISMGVYLGQSTKIYDRETGEVTYGRIPAGSVVVAGNLPAKDGTHSLYCAVIVKKVDAKTRAKVGLNELLRGD
;
_entity_poly.pdbx_strand_id   A,B,C
#
loop_
_chem_comp.id
_chem_comp.type
_chem_comp.name
_chem_comp.formula
EDO non-polymer 1,2-ETHANEDIOL 'C2 H6 O2'
SO4 non-polymer 'SULFATE ION' 'O4 S -2'
UNL non-polymer 'UNKNOWN LIGAND' ?
#
# COMPACT_ATOMS: atom_id res chain seq x y z
N ASN A 41 -35.54 -8.37 20.88
CA ASN A 41 -36.35 -9.19 19.92
C ASN A 41 -36.29 -8.62 18.49
N MET A 42 -36.00 -7.31 18.37
CA MET A 42 -35.79 -6.70 17.06
C MET A 42 -34.68 -7.43 16.30
N SER A 43 -33.54 -7.59 16.96
CA SER A 43 -32.41 -8.30 16.40
CA SER A 43 -32.41 -8.31 16.38
C SER A 43 -32.75 -9.78 16.12
N GLN A 44 -33.61 -10.35 16.97
CA GLN A 44 -34.04 -11.75 16.83
C GLN A 44 -34.90 -11.96 15.58
N GLN A 45 -35.86 -11.06 15.36
CA GLN A 45 -36.69 -11.10 14.16
C GLN A 45 -35.85 -10.80 12.91
N LEU A 46 -34.87 -9.90 13.05
CA LEU A 46 -33.98 -9.58 11.96
C LEU A 46 -33.13 -10.80 11.56
N GLN A 47 -32.55 -11.47 12.54
CA GLN A 47 -31.74 -12.66 12.26
C GLN A 47 -32.59 -13.75 11.60
N GLN A 48 -33.82 -13.94 12.06
CA GLN A 48 -34.70 -14.95 11.48
C GLN A 48 -34.86 -14.74 9.97
N ILE A 49 -35.13 -13.51 9.55
CA ILE A 49 -35.31 -13.21 8.13
C ILE A 49 -34.02 -13.50 7.35
N ILE A 50 -32.90 -13.01 7.88
CA ILE A 50 -31.60 -13.15 7.21
C ILE A 50 -31.21 -14.63 7.06
N ASP A 51 -31.38 -15.40 8.12
CA ASP A 51 -31.03 -16.80 8.12
C ASP A 51 -31.86 -17.59 7.10
N ASN A 52 -33.14 -17.27 7.00
CA ASN A 52 -33.98 -17.90 5.97
C ASN A 52 -33.67 -17.45 4.55
N ALA A 53 -33.36 -16.16 4.40
CA ALA A 53 -32.94 -15.63 3.10
C ALA A 53 -31.68 -16.32 2.62
N TRP A 54 -30.74 -16.57 3.56
CA TRP A 54 -29.51 -17.27 3.27
C TRP A 54 -29.76 -18.68 2.79
N GLU A 55 -30.58 -19.43 3.51
CA GLU A 55 -30.94 -20.78 3.07
C GLU A 55 -31.57 -20.75 1.67
N ASN A 56 -32.35 -19.71 1.38
CA ASN A 56 -33.04 -19.59 0.10
C ASN A 56 -32.36 -18.64 -0.88
N ARG A 57 -31.05 -18.46 -0.72
CA ARG A 57 -30.34 -17.40 -1.44
C ARG A 57 -30.32 -17.62 -2.95
N ALA A 58 -30.45 -18.88 -3.39
CA ALA A 58 -30.52 -19.16 -4.83
C ALA A 58 -31.76 -18.53 -5.51
N GLU A 59 -32.78 -18.15 -4.72
CA GLU A 59 -33.96 -17.43 -5.24
C GLU A 59 -33.69 -15.94 -5.48
N LEU A 60 -32.58 -15.43 -4.93
CA LEU A 60 -32.35 -14.00 -4.83
C LEU A 60 -31.31 -13.49 -5.82
N SER A 61 -31.58 -12.31 -6.38
CA SER A 61 -30.69 -11.63 -7.31
C SER A 61 -31.03 -10.16 -7.30
N PRO A 62 -30.28 -9.31 -8.03
CA PRO A 62 -30.63 -7.90 -8.06
C PRO A 62 -32.01 -7.56 -8.64
N LYS A 63 -32.58 -8.46 -9.46
CA LYS A 63 -33.89 -8.25 -10.06
C LYS A 63 -35.03 -8.98 -9.33
N ALA A 64 -34.69 -9.87 -8.38
CA ALA A 64 -35.68 -10.74 -7.75
C ALA A 64 -35.39 -10.99 -6.27
N ALA A 65 -36.13 -10.32 -5.41
CA ALA A 65 -36.02 -10.48 -3.95
C ALA A 65 -37.19 -9.75 -3.30
N SER A 66 -37.81 -10.39 -2.30
CA SER A 66 -38.96 -9.81 -1.63
C SER A 66 -38.57 -8.51 -0.93
N ALA A 67 -39.54 -7.61 -0.77
CA ALA A 67 -39.33 -6.35 -0.05
C ALA A 67 -38.87 -6.63 1.38
N GLU A 68 -39.40 -7.68 2.00
CA GLU A 68 -38.99 -8.02 3.37
C GLU A 68 -37.51 -8.37 3.45
N ILE A 69 -37.03 -9.17 2.51
CA ILE A 69 -35.63 -9.55 2.50
C ILE A 69 -34.73 -8.34 2.22
N ARG A 70 -35.07 -7.57 1.20
CA ARG A 70 -34.26 -6.39 0.85
CA ARG A 70 -34.27 -6.38 0.85
C ARG A 70 -34.16 -5.43 2.03
N GLU A 71 -35.30 -5.22 2.71
CA GLU A 71 -35.34 -4.31 3.86
C GLU A 71 -34.55 -4.85 5.07
N ALA A 72 -34.63 -6.16 5.31
CA ALA A 72 -33.84 -6.79 6.39
C ALA A 72 -32.33 -6.69 6.17
N VAL A 73 -31.90 -7.02 4.97
CA VAL A 73 -30.48 -6.96 4.62
C VAL A 73 -29.98 -5.52 4.73
N ALA A 74 -30.75 -4.57 4.18
CA ALA A 74 -30.36 -3.16 4.23
C ALA A 74 -30.27 -2.67 5.68
N HIS A 75 -31.16 -3.14 6.54
CA HIS A 75 -31.16 -2.73 7.94
C HIS A 75 -29.96 -3.29 8.66
N ALA A 76 -29.61 -4.53 8.37
CA ALA A 76 -28.44 -5.16 8.96
C ALA A 76 -27.18 -4.39 8.56
N ILE A 77 -27.10 -4.00 7.28
CA ILE A 77 -25.94 -3.23 6.81
C ILE A 77 -25.88 -1.88 7.52
N GLU A 78 -27.04 -1.23 7.64
CA GLU A 78 -27.13 0.06 8.34
C GLU A 78 -26.67 -0.05 9.80
N GLN A 79 -27.09 -1.11 10.48
CA GLN A 79 -26.70 -1.35 11.87
C GLN A 79 -25.20 -1.64 12.02
N LEU A 80 -24.62 -2.39 11.09
CA LEU A 80 -23.18 -2.62 11.06
C LEU A 80 -22.46 -1.28 10.84
N ASP A 81 -22.99 -0.47 9.93
CA ASP A 81 -22.36 0.81 9.58
C ASP A 81 -22.31 1.76 10.79
N ARG A 82 -23.37 1.72 11.61
CA ARG A 82 -23.50 2.55 12.82
C ARG A 82 -22.82 1.95 14.03
N GLY A 83 -22.33 0.72 13.91
CA GLY A 83 -21.78 -0.02 15.04
C GLY A 83 -22.79 -0.50 16.07
N ALA A 84 -24.06 -0.50 15.72
CA ALA A 84 -25.11 -0.96 16.63
C ALA A 84 -25.14 -2.49 16.68
N LEU A 85 -24.69 -3.11 15.59
CA LEU A 85 -24.39 -4.52 15.54
C LEU A 85 -22.93 -4.67 15.10
N ARG A 86 -22.32 -5.82 15.38
CA ARG A 86 -20.93 -6.05 14.99
C ARG A 86 -20.71 -7.54 14.70
N VAL A 87 -19.87 -7.84 13.73
CA VAL A 87 -19.76 -9.20 13.22
C VAL A 87 -19.22 -10.16 14.28
N ALA A 88 -18.29 -9.70 15.10
CA ALA A 88 -17.83 -10.49 16.24
C ALA A 88 -17.74 -9.62 17.48
N GLU A 89 -17.92 -10.23 18.64
CA GLU A 89 -17.79 -9.52 19.91
C GLU A 89 -17.56 -10.53 21.03
N LYS A 90 -17.21 -10.01 22.20
CA LYS A 90 -17.11 -10.85 23.39
C LYS A 90 -18.48 -11.28 23.88
N ILE A 91 -18.69 -12.59 23.98
CA ILE A 91 -19.90 -13.15 24.58
CA ILE A 91 -19.89 -13.15 24.58
C ILE A 91 -19.47 -14.13 25.67
N ASP A 92 -19.92 -13.88 26.90
CA ASP A 92 -19.55 -14.70 28.05
C ASP A 92 -18.03 -14.90 28.18
N GLY A 93 -17.27 -13.81 27.98
CA GLY A 93 -15.81 -13.82 28.12
C GLY A 93 -15.00 -14.19 26.88
N ALA A 94 -15.68 -14.58 25.80
CA ALA A 94 -14.99 -15.14 24.65
C ALA A 94 -15.42 -14.48 23.35
N TRP A 95 -14.45 -14.20 22.46
CA TRP A 95 -14.76 -13.66 21.13
C TRP A 95 -15.61 -14.64 20.36
N THR A 96 -16.75 -14.17 19.87
CA THR A 96 -17.71 -15.00 19.18
C THR A 96 -18.20 -14.31 17.92
N VAL A 97 -18.38 -15.10 16.85
CA VAL A 97 -18.84 -14.58 15.57
C VAL A 97 -20.34 -14.72 15.46
N HIS A 98 -20.97 -13.70 14.89
CA HIS A 98 -22.38 -13.77 14.53
C HIS A 98 -22.46 -14.13 13.08
N GLN A 99 -22.67 -15.41 12.79
CA GLN A 99 -22.66 -15.86 11.40
C GLN A 99 -23.71 -15.14 10.55
N TRP A 100 -24.86 -14.84 11.14
CA TRP A 100 -25.93 -14.21 10.39
C TRP A 100 -25.58 -12.84 9.85
N LEU A 101 -24.67 -12.14 10.51
CA LEU A 101 -24.23 -10.82 10.05
C LEU A 101 -23.29 -10.97 8.85
N LYS A 102 -22.47 -12.02 8.86
CA LYS A 102 -21.68 -12.33 7.66
C LYS A 102 -22.62 -12.70 6.51
N LYS A 103 -23.66 -13.49 6.81
CA LYS A 103 -24.67 -13.81 5.79
C LYS A 103 -25.34 -12.55 5.24
N ALA A 104 -25.66 -11.60 6.11
CA ALA A 104 -26.25 -10.33 5.66
C ALA A 104 -25.31 -9.62 4.69
N VAL A 105 -24.02 -9.54 5.04
CA VAL A 105 -23.01 -8.94 4.17
C VAL A 105 -22.99 -9.61 2.78
N LEU A 106 -22.92 -10.94 2.78
CA LEU A 106 -22.87 -11.69 1.54
C LEU A 106 -24.16 -11.51 0.73
N LEU A 107 -25.33 -11.50 1.39
CA LEU A 107 -26.58 -11.20 0.71
C LEU A 107 -26.59 -9.80 0.09
N SER A 108 -26.00 -8.83 0.77
CA SER A 108 -25.97 -7.46 0.27
C SER A 108 -25.25 -7.43 -1.09
N PHE A 109 -24.26 -8.30 -1.29
CA PHE A 109 -23.61 -8.44 -2.61
C PHE A 109 -24.56 -9.03 -3.66
N ARG A 110 -25.25 -10.09 -3.27
CA ARG A 110 -26.13 -10.82 -4.16
C ARG A 110 -27.27 -9.94 -4.68
N LEU A 111 -27.71 -9.00 -3.85
CA LEU A 111 -28.88 -8.17 -4.15
C LEU A 111 -28.58 -6.91 -4.96
N GLU A 112 -27.32 -6.66 -5.30
CA GLU A 112 -26.96 -5.44 -6.03
C GLU A 112 -26.12 -5.74 -7.26
N ASP A 113 -26.39 -5.03 -8.35
CA ASP A 113 -25.54 -5.10 -9.55
C ASP A 113 -24.41 -4.09 -9.45
N ASN A 114 -23.32 -4.38 -10.14
CA ASN A 114 -22.26 -3.41 -10.31
C ASN A 114 -22.79 -2.24 -11.12
N ALA A 115 -22.31 -1.03 -10.83
CA ALA A 115 -22.63 0.13 -11.67
C ALA A 115 -21.44 1.08 -11.71
N PRO A 116 -21.34 1.90 -12.77
CA PRO A 116 -20.26 2.89 -12.82
C PRO A 116 -20.35 3.87 -11.66
N MET A 117 -19.19 4.26 -11.14
CA MET A 117 -19.12 5.21 -10.05
C MET A 117 -18.27 6.39 -10.49
N PRO A 118 -18.87 7.59 -10.50
CA PRO A 118 -18.22 8.78 -11.05
C PRO A 118 -17.20 9.41 -10.09
N ALA A 119 -16.20 10.08 -10.66
CA ALA A 119 -15.06 10.57 -9.89
C ALA A 119 -14.49 11.87 -10.44
N GLY A 120 -15.33 12.64 -11.14
CA GLY A 120 -14.94 13.97 -11.58
C GLY A 120 -14.16 14.07 -12.87
N GLY A 121 -13.94 12.95 -13.53
CA GLY A 121 -13.35 12.96 -14.89
C GLY A 121 -12.15 12.05 -15.11
N TYR A 122 -11.21 12.02 -14.16
CA TYR A 122 -9.93 11.38 -14.40
C TYR A 122 -10.07 9.87 -14.58
N SER A 123 -11.08 9.30 -13.93
CA SER A 123 -11.33 7.87 -14.06
C SER A 123 -12.73 7.57 -13.53
N GLN A 124 -13.12 6.31 -13.61
CA GLN A 124 -14.38 5.83 -13.07
C GLN A 124 -14.13 4.51 -12.41
N PHE A 125 -15.02 4.13 -11.51
CA PHE A 125 -14.98 2.82 -10.86
C PHE A 125 -16.22 2.05 -11.25
N TYR A 126 -16.28 0.79 -10.85
CA TYR A 126 -17.36 -0.09 -11.26
C TYR A 126 -17.48 -1.21 -10.26
N ASP A 127 -18.47 -1.07 -9.38
CA ASP A 127 -18.62 -1.98 -8.25
C ASP A 127 -20.05 -1.91 -7.75
N LYS A 128 -20.37 -2.77 -6.80
CA LYS A 128 -21.72 -2.91 -6.28
C LYS A 128 -21.84 -2.58 -4.80
N VAL A 129 -20.74 -2.11 -4.18
CA VAL A 129 -20.76 -1.75 -2.75
C VAL A 129 -20.50 -0.26 -2.65
N PRO A 130 -21.47 0.50 -2.12
CA PRO A 130 -21.21 1.93 -2.03
C PRO A 130 -20.18 2.28 -0.97
N SER A 131 -19.53 3.43 -1.15
CA SER A 131 -18.76 4.03 -0.10
C SER A 131 -19.65 4.33 1.11
N LYS A 132 -19.08 4.10 2.29
CA LYS A 132 -19.72 4.47 3.55
C LYS A 132 -20.12 5.94 3.53
N PHE A 133 -19.33 6.76 2.86
CA PHE A 133 -19.49 8.22 2.91
C PHE A 133 -20.25 8.79 1.72
N ALA A 134 -20.78 7.93 0.85
CA ALA A 134 -21.44 8.41 -0.38
C ALA A 134 -22.49 9.48 -0.13
N ASN A 135 -23.33 9.27 0.87
CA ASN A 135 -24.46 10.16 1.18
C ASN A 135 -24.28 11.01 2.43
N TYR A 136 -23.06 11.06 2.98
CA TYR A 136 -22.80 11.85 4.20
C TYR A 136 -23.00 13.35 3.96
N THR A 137 -23.60 14.02 4.94
CA THR A 137 -23.68 15.46 4.98
C THR A 137 -22.56 15.98 5.88
N ALA A 138 -22.35 17.28 5.88
CA ALA A 138 -21.39 17.89 6.81
C ALA A 138 -21.77 17.54 8.25
N GLU A 139 -23.07 17.50 8.51
CA GLU A 139 -23.59 17.18 9.84
C GLU A 139 -23.27 15.73 10.25
N ASP A 140 -23.42 14.80 9.30
CA ASP A 140 -23.05 13.39 9.52
C ASP A 140 -21.56 13.26 9.87
N PHE A 141 -20.70 13.94 9.12
CA PHE A 141 -19.28 13.91 9.42
C PHE A 141 -18.96 14.51 10.79
N ALA A 142 -19.57 15.66 11.10
CA ALA A 142 -19.37 16.31 12.40
C ALA A 142 -19.79 15.38 13.54
N ALA A 143 -20.93 14.71 13.37
CA ALA A 143 -21.46 13.80 14.39
C ALA A 143 -20.59 12.53 14.57
N GLY A 144 -19.98 12.06 13.48
CA GLY A 144 -19.13 10.87 13.51
C GLY A 144 -17.87 10.99 14.35
N GLY A 145 -17.25 12.17 14.31
CA GLY A 145 -16.10 12.46 15.17
C GLY A 145 -14.79 11.86 14.72
N PHE A 146 -14.73 11.39 13.47
CA PHE A 146 -13.50 10.86 12.88
C PHE A 146 -13.03 11.69 11.69
N ARG A 147 -11.83 11.40 11.21
CA ARG A 147 -11.28 12.07 10.03
C ARG A 147 -11.03 11.07 8.90
N VAL A 148 -11.32 11.53 7.69
CA VAL A 148 -11.14 10.73 6.47
C VAL A 148 -10.20 11.53 5.57
N VAL A 149 -8.91 11.19 5.65
CA VAL A 149 -7.88 11.94 4.95
C VAL A 149 -7.83 11.47 3.51
N PRO A 150 -7.97 12.39 2.53
CA PRO A 150 -8.02 11.93 1.14
C PRO A 150 -6.73 11.27 0.68
N PRO A 151 -6.83 10.18 -0.10
CA PRO A 151 -8.04 9.50 -0.63
C PRO A 151 -8.54 8.26 0.12
N ALA A 152 -8.54 8.30 1.44
CA ALA A 152 -9.06 7.18 2.23
C ALA A 152 -10.52 6.88 1.92
N ILE A 153 -10.91 5.62 2.07
CA ILE A 153 -12.28 5.20 1.87
C ILE A 153 -12.62 4.01 2.78
N ALA A 154 -13.90 3.89 3.08
CA ALA A 154 -14.46 2.74 3.80
C ALA A 154 -15.73 2.36 3.09
N ARG A 155 -16.01 1.05 3.03
CA ARG A 155 -17.25 0.57 2.46
C ARG A 155 -18.40 0.69 3.44
N ARG A 156 -19.56 0.99 2.89
CA ARG A 156 -20.82 0.96 3.62
C ARG A 156 -21.00 -0.39 4.31
N GLY A 157 -21.34 -0.34 5.60
CA GLY A 157 -21.43 -1.54 6.43
C GLY A 157 -20.20 -1.79 7.28
N SER A 158 -19.34 -0.77 7.41
CA SER A 158 -18.26 -0.77 8.41
C SER A 158 -18.47 0.39 9.36
N PHE A 159 -18.04 0.17 10.60
CA PHE A 159 -18.18 1.17 11.65
C PHE A 159 -16.84 1.84 11.90
N ILE A 160 -16.85 3.18 11.88
CA ILE A 160 -15.66 3.98 12.23
C ILE A 160 -16.06 4.83 13.45
N ALA A 161 -15.40 4.59 14.58
CA ALA A 161 -15.74 5.25 15.84
C ALA A 161 -15.21 6.69 15.93
N LYS A 162 -15.65 7.38 16.96
CA LYS A 162 -15.16 8.70 17.29
C LYS A 162 -13.63 8.68 17.52
N ASN A 163 -12.97 9.76 17.10
CA ASN A 163 -11.54 10.00 17.32
C ASN A 163 -10.64 9.09 16.49
N VAL A 164 -11.20 8.37 15.53
CA VAL A 164 -10.41 7.57 14.58
C VAL A 164 -9.86 8.52 13.52
N VAL A 165 -8.61 8.30 13.12
CA VAL A 165 -8.04 9.00 11.97
C VAL A 165 -7.76 7.97 10.91
N LEU A 166 -8.43 8.10 9.77
CA LEU A 166 -8.13 7.29 8.60
C LEU A 166 -7.21 8.10 7.67
N MET A 167 -5.91 7.82 7.73
CA MET A 167 -5.01 8.27 6.66
C MET A 167 -5.42 7.53 5.40
N PRO A 168 -4.86 7.93 4.24
CA PRO A 168 -5.24 7.14 3.05
C PRO A 168 -5.04 5.63 3.31
N SER A 169 -6.14 4.90 3.20
CA SER A 169 -6.24 3.54 3.68
C SER A 169 -7.58 2.98 3.22
N TYR A 170 -7.78 1.69 3.45
CA TYR A 170 -9.00 1.00 3.04
C TYR A 170 -9.61 0.24 4.20
N THR A 171 -10.89 0.47 4.45
CA THR A 171 -11.68 -0.27 5.43
C THR A 171 -12.81 -0.98 4.67
N ASN A 172 -12.75 -2.31 4.69
CA ASN A 172 -13.70 -3.16 3.97
C ASN A 172 -14.98 -3.37 4.81
N ILE A 173 -16.00 -3.87 4.15
CA ILE A 173 -17.31 -4.09 4.74
C ILE A 173 -17.28 -5.04 5.94
N GLY A 174 -18.06 -4.71 6.95
CA GLY A 174 -18.18 -5.54 8.15
C GLY A 174 -17.15 -5.24 9.21
N ALA A 175 -16.17 -4.40 8.88
CA ALA A 175 -15.14 -4.03 9.84
C ALA A 175 -15.69 -3.12 10.92
N TYR A 176 -15.03 -3.15 12.08
CA TYR A 176 -15.37 -2.30 13.23
C TYR A 176 -14.05 -1.72 13.74
N VAL A 177 -13.95 -0.40 13.67
CA VAL A 177 -12.74 0.33 14.07
C VAL A 177 -13.10 1.26 15.24
N ASP A 178 -12.63 0.89 16.44
CA ASP A 178 -13.08 1.55 17.66
C ASP A 178 -12.27 2.82 17.97
N GLU A 179 -12.72 3.49 19.02
CA GLU A 179 -12.38 4.90 19.26
C GLU A 179 -10.90 5.12 19.43
N GLY A 180 -10.40 6.21 18.84
CA GLY A 180 -9.04 6.65 19.06
C GLY A 180 -8.01 5.95 18.19
N THR A 181 -8.48 5.06 17.34
CA THR A 181 -7.58 4.24 16.53
C THR A 181 -7.03 5.05 15.36
N MET A 182 -5.73 4.84 15.09
CA MET A 182 -5.02 5.46 13.97
CA MET A 182 -5.06 5.47 13.97
C MET A 182 -4.80 4.39 12.90
N VAL A 183 -5.33 4.63 11.70
CA VAL A 183 -5.13 3.76 10.55
C VAL A 183 -4.22 4.58 9.61
N ASP A 184 -2.97 4.16 9.48
CA ASP A 184 -1.97 4.97 8.81
C ASP A 184 -1.94 4.69 7.30
N THR A 185 -1.03 5.35 6.60
CA THR A 185 -1.09 5.43 5.15
C THR A 185 -0.85 4.08 4.44
N TRP A 186 -1.76 3.75 3.54
CA TRP A 186 -1.81 2.46 2.82
C TRP A 186 -1.97 1.24 3.70
N ALA A 187 -2.60 1.42 4.87
CA ALA A 187 -3.03 0.29 5.68
C ALA A 187 -4.37 -0.22 5.18
N THR A 188 -4.71 -1.44 5.57
CA THR A 188 -5.98 -2.04 5.18
C THR A 188 -6.62 -2.66 6.40
N VAL A 189 -7.91 -2.36 6.62
CA VAL A 189 -8.72 -3.05 7.62
C VAL A 189 -9.70 -3.95 6.84
N GLY A 190 -9.39 -5.24 6.81
CA GLY A 190 -10.12 -6.18 5.96
C GLY A 190 -11.49 -6.51 6.47
N SER A 191 -12.21 -7.26 5.65
CA SER A 191 -13.61 -7.54 5.91
C SER A 191 -13.82 -8.21 7.27
N CYS A 192 -14.77 -7.66 8.03
CA CYS A 192 -15.18 -8.17 9.34
C CYS A 192 -14.17 -8.00 10.45
N ALA A 193 -12.99 -7.42 10.17
CA ALA A 193 -11.96 -7.27 11.18
C ALA A 193 -12.48 -6.43 12.36
N GLN A 194 -12.10 -6.81 13.58
CA GLN A 194 -12.48 -6.06 14.79
C GLN A 194 -11.24 -5.38 15.35
N ILE A 195 -11.21 -4.05 15.28
CA ILE A 195 -10.05 -3.26 15.72
C ILE A 195 -10.45 -2.51 16.98
N GLY A 196 -9.67 -2.66 18.04
CA GLY A 196 -10.04 -2.12 19.33
C GLY A 196 -9.82 -0.63 19.44
N LYS A 197 -9.92 -0.13 20.67
CA LYS A 197 -9.70 1.28 20.96
C LYS A 197 -8.22 1.60 21.05
N ASN A 198 -7.85 2.79 20.60
CA ASN A 198 -6.48 3.28 20.71
C ASN A 198 -5.45 2.34 20.10
N VAL A 199 -5.83 1.69 19.00
CA VAL A 199 -4.91 0.87 18.23
C VAL A 199 -4.18 1.75 17.21
N HIS A 200 -2.91 1.42 16.97
CA HIS A 200 -2.13 2.09 15.96
C HIS A 200 -1.75 1.08 14.90
N LEU A 201 -2.41 1.19 13.74
CA LEU A 201 -2.07 0.39 12.56
C LEU A 201 -1.16 1.27 11.71
N SER A 202 0.13 0.93 11.71
CA SER A 202 1.13 1.76 11.07
C SER A 202 1.06 1.65 9.54
N GLY A 203 1.88 2.43 8.87
CA GLY A 203 1.93 2.45 7.42
C GLY A 203 2.04 1.08 6.77
N GLY A 204 1.20 0.83 5.77
CA GLY A 204 1.27 -0.40 5.00
C GLY A 204 0.91 -1.66 5.75
N VAL A 205 0.26 -1.52 6.91
CA VAL A 205 -0.17 -2.69 7.67
C VAL A 205 -1.43 -3.28 7.03
N GLY A 206 -1.46 -4.60 6.90
CA GLY A 206 -2.60 -5.31 6.37
C GLY A 206 -3.27 -6.14 7.45
N ILE A 207 -4.53 -5.86 7.71
CA ILE A 207 -5.38 -6.71 8.52
C ILE A 207 -6.30 -7.48 7.57
N GLY A 208 -6.14 -8.80 7.55
CA GLY A 208 -6.86 -9.63 6.62
C GLY A 208 -8.35 -9.69 6.88
N GLY A 209 -9.11 -9.91 5.81
CA GLY A 209 -10.54 -10.15 5.91
C GLY A 209 -10.85 -11.61 6.14
N VAL A 210 -11.99 -11.88 6.76
CA VAL A 210 -12.47 -13.24 6.97
C VAL A 210 -13.99 -13.20 6.89
N LEU A 211 -14.51 -12.97 5.71
CA LEU A 211 -15.96 -13.03 5.51
C LEU A 211 -16.36 -14.49 5.39
N GLU A 212 -15.54 -15.30 4.72
CA GLU A 212 -15.72 -16.73 4.71
C GLU A 212 -14.45 -17.42 5.22
N PRO A 213 -14.57 -18.60 5.83
CA PRO A 213 -15.77 -19.38 6.15
C PRO A 213 -16.67 -18.66 7.14
N LEU A 214 -17.97 -18.93 7.07
CA LEU A 214 -18.93 -18.26 7.94
C LEU A 214 -18.63 -18.44 9.42
N GLN A 215 -18.19 -19.64 9.82
CA GLN A 215 -17.92 -19.93 11.24
C GLN A 215 -16.62 -19.30 11.79
N ALA A 216 -15.73 -18.86 10.90
CA ALA A 216 -14.41 -18.44 11.32
C ALA A 216 -14.43 -17.06 11.97
N ASN A 217 -13.72 -16.92 13.09
CA ASN A 217 -13.52 -15.61 13.70
C ASN A 217 -12.75 -14.69 12.73
N PRO A 218 -13.14 -13.41 12.67
CA PRO A 218 -12.31 -12.48 11.90
C PRO A 218 -10.99 -12.21 12.62
N VAL A 219 -10.09 -11.49 11.96
CA VAL A 219 -8.90 -10.97 12.64
C VAL A 219 -9.36 -9.97 13.71
N ILE A 220 -8.78 -10.10 14.89
CA ILE A 220 -9.16 -9.28 16.05
C ILE A 220 -7.88 -8.66 16.60
N ILE A 221 -7.84 -7.33 16.63
CA ILE A 221 -6.75 -6.59 17.26
C ILE A 221 -7.37 -5.90 18.45
N GLU A 222 -6.97 -6.31 19.65
CA GLU A 222 -7.58 -5.79 20.87
C GLU A 222 -7.06 -4.40 21.22
N ASP A 223 -7.61 -3.80 22.29
CA ASP A 223 -7.30 -2.42 22.65
C ASP A 223 -5.82 -2.16 22.85
N ASN A 224 -5.39 -0.95 22.48
CA ASN A 224 -4.08 -0.40 22.80
C ASN A 224 -2.92 -1.14 22.14
N CYS A 225 -3.17 -1.87 21.07
CA CYS A 225 -2.07 -2.53 20.37
C CYS A 225 -1.38 -1.56 19.41
N PHE A 226 -0.06 -1.74 19.28
CA PHE A 226 0.74 -1.09 18.25
C PHE A 226 1.14 -2.15 17.24
N ILE A 227 0.84 -1.90 15.97
CA ILE A 227 1.25 -2.79 14.87
CA ILE A 227 1.29 -2.79 14.90
C ILE A 227 2.19 -1.99 13.97
N GLY A 228 3.47 -2.36 13.93
CA GLY A 228 4.48 -1.59 13.22
C GLY A 228 4.36 -1.74 11.72
N ALA A 229 5.05 -0.85 11.01
CA ALA A 229 4.90 -0.72 9.57
C ALA A 229 5.15 -2.00 8.78
N ARG A 230 4.34 -2.20 7.74
CA ARG A 230 4.46 -3.31 6.80
C ARG A 230 4.13 -4.69 7.38
N SER A 231 3.63 -4.75 8.60
CA SER A 231 3.22 -6.01 9.20
C SER A 231 1.85 -6.44 8.68
N GLU A 232 1.53 -7.71 8.87
CA GLU A 232 0.29 -8.29 8.39
C GLU A 232 -0.29 -9.22 9.46
N VAL A 233 -1.59 -9.13 9.67
CA VAL A 233 -2.30 -10.06 10.54
C VAL A 233 -3.52 -10.58 9.77
N VAL A 234 -3.51 -11.88 9.52
CA VAL A 234 -4.49 -12.48 8.62
C VAL A 234 -5.09 -13.74 9.22
N GLU A 235 -6.11 -14.25 8.54
CA GLU A 235 -6.60 -15.61 8.75
C GLU A 235 -7.09 -15.86 10.17
N GLY A 236 -7.70 -14.85 10.78
CA GLY A 236 -8.31 -15.02 12.10
C GLY A 236 -7.36 -15.01 13.28
N VAL A 237 -6.10 -14.65 13.06
CA VAL A 237 -5.17 -14.45 14.17
C VAL A 237 -5.74 -13.38 15.10
N ILE A 238 -5.58 -13.58 16.41
CA ILE A 238 -5.95 -12.57 17.39
C ILE A 238 -4.71 -11.99 18.04
N VAL A 239 -4.63 -10.67 18.12
CA VAL A 239 -3.57 -10.00 18.85
C VAL A 239 -4.24 -9.39 20.09
N GLU A 240 -3.88 -9.92 21.26
CA GLU A 240 -4.52 -9.51 22.51
C GLU A 240 -4.01 -8.15 22.97
N GLU A 241 -4.73 -7.53 23.91
CA GLU A 241 -4.53 -6.12 24.25
C GLU A 241 -3.13 -5.80 24.72
N ASN A 242 -2.73 -4.55 24.50
CA ASN A 242 -1.46 -4.01 24.99
C ASN A 242 -0.22 -4.65 24.36
N SER A 243 -0.40 -5.32 23.22
CA SER A 243 0.71 -5.90 22.49
C SER A 243 1.42 -4.87 21.62
N VAL A 244 2.70 -5.12 21.37
CA VAL A 244 3.52 -4.25 20.54
C VAL A 244 4.14 -5.15 19.48
N ILE A 245 3.70 -4.98 18.24
CA ILE A 245 4.20 -5.77 17.11
C ILE A 245 5.11 -4.86 16.28
N SER A 246 6.33 -5.31 16.01
CA SER A 246 7.29 -4.47 15.29
CA SER A 246 7.29 -4.45 15.29
C SER A 246 7.01 -4.46 13.80
N MET A 247 7.93 -3.87 13.03
CA MET A 247 7.84 -3.87 11.57
C MET A 247 8.07 -5.24 10.96
N GLY A 248 7.44 -5.47 9.82
CA GLY A 248 7.67 -6.68 9.05
C GLY A 248 7.36 -7.98 9.74
N VAL A 249 6.32 -7.97 10.57
CA VAL A 249 5.88 -9.18 11.25
C VAL A 249 4.64 -9.67 10.52
N TYR A 250 4.68 -10.91 10.02
CA TYR A 250 3.61 -11.45 9.21
C TYR A 250 3.01 -12.61 9.93
N LEU A 251 1.78 -12.42 10.42
CA LEU A 251 1.11 -13.40 11.27
C LEU A 251 -0.13 -13.97 10.56
N GLY A 252 -0.05 -15.21 10.15
CA GLY A 252 -1.20 -15.98 9.65
C GLY A 252 -1.35 -17.23 10.50
N GLN A 253 -2.29 -18.10 10.15
CA GLN A 253 -2.51 -19.30 10.98
C GLN A 253 -1.36 -20.30 10.95
N SER A 254 -0.48 -20.22 9.95
CA SER A 254 0.68 -21.11 9.84
CA SER A 254 0.67 -21.12 9.86
C SER A 254 1.99 -20.45 10.27
N THR A 255 1.93 -19.24 10.83
CA THR A 255 3.13 -18.57 11.31
C THR A 255 3.52 -19.08 12.69
N LYS A 256 4.72 -19.66 12.80
CA LYS A 256 5.24 -20.04 14.10
C LYS A 256 5.48 -18.81 14.97
N ILE A 257 4.91 -18.82 16.16
CA ILE A 257 5.15 -17.81 17.17
C ILE A 257 6.05 -18.42 18.23
N TYR A 258 7.30 -17.97 18.27
CA TYR A 258 8.31 -18.54 19.16
C TYR A 258 8.44 -17.66 20.40
N ASP A 259 8.13 -18.22 21.55
CA ASP A 259 8.26 -17.52 22.84
C ASP A 259 9.68 -17.76 23.34
N ARG A 260 10.49 -16.69 23.29
CA ARG A 260 11.91 -16.77 23.59
C ARG A 260 12.18 -17.28 25.00
N GLU A 261 11.32 -16.88 25.93
CA GLU A 261 11.49 -17.21 27.33
C GLU A 261 11.30 -18.70 27.58
N THR A 262 10.24 -19.27 27.01
CA THR A 262 9.84 -20.65 27.32
C THR A 262 10.29 -21.66 26.27
N GLY A 263 10.66 -21.18 25.09
CA GLY A 263 10.99 -22.07 23.97
C GLY A 263 9.78 -22.70 23.28
N GLU A 264 8.58 -22.27 23.63
CA GLU A 264 7.36 -22.87 23.08
C GLU A 264 6.99 -22.22 21.74
N VAL A 265 6.52 -23.04 20.81
CA VAL A 265 6.01 -22.58 19.54
C VAL A 265 4.50 -22.68 19.56
N THR A 266 3.81 -21.59 19.25
CA THR A 266 2.35 -21.62 19.14
C THR A 266 1.91 -20.95 17.85
N TYR A 267 0.61 -21.03 17.57
CA TYR A 267 0.01 -20.45 16.37
C TYR A 267 -1.29 -19.75 16.70
N GLY A 268 -1.56 -18.66 15.99
CA GLY A 268 -2.89 -18.05 15.94
C GLY A 268 -3.25 -17.01 16.99
N ARG A 269 -2.35 -16.75 17.95
CA ARG A 269 -2.66 -15.88 19.07
CA ARG A 269 -2.66 -15.87 19.07
C ARG A 269 -1.41 -15.19 19.63
N ILE A 270 -1.48 -13.88 19.77
CA ILE A 270 -0.44 -13.12 20.45
C ILE A 270 -1.00 -12.77 21.82
N PRO A 271 -0.44 -13.36 22.89
CA PRO A 271 -0.96 -13.11 24.24
C PRO A 271 -0.84 -11.65 24.66
N ALA A 272 -1.75 -11.21 25.53
CA ALA A 272 -1.80 -9.81 25.94
C ALA A 272 -0.42 -9.34 26.43
N GLY A 273 -0.04 -8.13 26.03
CA GLY A 273 1.20 -7.53 26.48
C GLY A 273 2.48 -8.06 25.86
N SER A 274 2.37 -8.78 24.73
CA SER A 274 3.55 -9.35 24.07
C SER A 274 4.25 -8.31 23.23
N VAL A 275 5.58 -8.31 23.26
CA VAL A 275 6.40 -7.57 22.31
C VAL A 275 6.91 -8.57 21.28
N VAL A 276 6.58 -8.34 20.00
CA VAL A 276 6.79 -9.31 18.93
C VAL A 276 7.66 -8.71 17.82
N VAL A 277 8.71 -9.45 17.43
CA VAL A 277 9.59 -9.03 16.35
C VAL A 277 9.74 -10.17 15.35
N ALA A 278 10.21 -9.83 14.16
CA ALA A 278 10.48 -10.81 13.12
C ALA A 278 11.78 -11.56 13.45
N GLY A 279 11.74 -12.86 13.18
CA GLY A 279 12.92 -13.71 13.34
C GLY A 279 12.90 -14.90 12.42
N ASN A 280 13.74 -15.88 12.76
CA ASN A 280 13.86 -17.13 12.03
C ASN A 280 14.13 -18.24 13.04
N LEU A 281 13.72 -19.47 12.70
CA LEU A 281 14.08 -20.69 13.41
C LEU A 281 15.00 -21.54 12.53
N PRO A 282 16.09 -22.08 13.12
CA PRO A 282 17.03 -22.85 12.29
C PRO A 282 16.53 -24.24 11.92
N ALA A 283 16.81 -24.64 10.69
CA ALA A 283 16.57 -26.02 10.28
C ALA A 283 17.53 -26.90 11.08
N LYS A 284 17.06 -28.07 11.47
CA LYS A 284 17.91 -29.04 12.18
C LYS A 284 19.23 -29.26 11.46
N ASP A 285 19.20 -29.28 10.12
CA ASP A 285 20.42 -29.63 9.39
C ASP A 285 21.43 -28.49 9.24
N GLY A 286 21.08 -27.30 9.76
CA GLY A 286 21.99 -26.17 9.77
C GLY A 286 22.18 -25.46 8.45
N THR A 287 21.42 -25.84 7.41
CA THR A 287 21.65 -25.27 6.08
C THR A 287 20.89 -23.96 5.84
N HIS A 288 19.84 -23.73 6.61
CA HIS A 288 19.00 -22.55 6.46
C HIS A 288 18.16 -22.35 7.67
N SER A 289 17.36 -21.28 7.64
CA SER A 289 16.38 -21.04 8.67
C SER A 289 15.11 -20.52 8.00
N LEU A 290 14.00 -20.60 8.72
CA LEU A 290 12.69 -20.20 8.21
C LEU A 290 12.08 -19.11 9.07
N TYR A 291 11.35 -18.23 8.40
CA TYR A 291 10.70 -17.09 9.04
C TYR A 291 9.77 -17.52 10.18
N CYS A 292 9.80 -16.74 11.26
CA CYS A 292 8.84 -16.87 12.36
C CYS A 292 8.67 -15.52 13.04
N ALA A 293 7.71 -15.44 13.95
CA ALA A 293 7.60 -14.28 14.86
C ALA A 293 8.17 -14.71 16.20
N VAL A 294 8.82 -13.79 16.88
CA VAL A 294 9.39 -14.07 18.19
C VAL A 294 8.83 -13.11 19.23
N ILE A 295 8.31 -13.67 20.33
CA ILE A 295 7.86 -12.88 21.46
C ILE A 295 9.11 -12.67 22.31
N VAL A 296 9.58 -11.42 22.39
CA VAL A 296 10.86 -11.11 23.04
C VAL A 296 10.70 -10.51 24.43
N LYS A 297 9.50 -10.03 24.75
CA LYS A 297 9.22 -9.48 26.08
C LYS A 297 7.71 -9.54 26.32
N LYS A 298 7.34 -9.53 27.59
CA LYS A 298 5.93 -9.54 27.99
C LYS A 298 5.76 -8.46 29.05
N VAL A 299 4.82 -7.55 28.83
CA VAL A 299 4.62 -6.38 29.71
C VAL A 299 3.17 -6.27 30.20
N ASP A 300 3.00 -5.57 31.32
CA ASP A 300 1.67 -5.28 31.88
C ASP A 300 1.11 -3.98 31.32
N ALA A 301 -0.15 -3.68 31.66
CA ALA A 301 -0.77 -2.41 31.30
C ALA A 301 -0.13 -1.26 32.07
N SER B 43 11.89 33.47 7.70
CA SER B 43 12.16 34.84 8.22
C SER B 43 12.06 34.90 9.74
N GLN B 44 12.76 35.87 10.33
CA GLN B 44 12.85 36.00 11.78
C GLN B 44 11.54 36.45 12.41
N GLN B 45 10.92 37.47 11.83
CA GLN B 45 9.64 37.99 12.33
C GLN B 45 8.56 36.91 12.27
N LEU B 46 8.65 36.05 11.26
CA LEU B 46 7.77 34.91 11.13
C LEU B 46 7.94 33.95 12.32
N GLN B 47 9.18 33.58 12.62
CA GLN B 47 9.48 32.67 13.73
C GLN B 47 9.05 33.23 15.08
N GLN B 48 9.23 34.54 15.28
CA GLN B 48 8.86 35.15 16.54
C GLN B 48 7.36 35.02 16.76
N ILE B 49 6.59 35.30 15.71
CA ILE B 49 5.13 35.24 15.77
C ILE B 49 4.68 33.80 16.06
N ILE B 50 5.30 32.85 15.37
CA ILE B 50 4.96 31.44 15.50
C ILE B 50 5.35 30.86 16.87
N ASP B 51 6.55 31.19 17.35
CA ASP B 51 7.00 30.72 18.67
C ASP B 51 6.06 31.20 19.77
N ASN B 52 5.67 32.47 19.72
CA ASN B 52 4.72 33.01 20.69
C ASN B 52 3.34 32.41 20.59
N ALA B 53 2.85 32.23 19.36
CA ALA B 53 1.56 31.59 19.13
C ALA B 53 1.56 30.18 19.73
N TRP B 54 2.69 29.50 19.61
CA TRP B 54 2.85 28.15 20.14
C TRP B 54 2.68 28.12 21.65
N GLU B 55 3.29 29.06 22.35
CA GLU B 55 3.14 29.11 23.80
C GLU B 55 1.68 29.39 24.19
N ASN B 56 0.98 30.14 23.35
CA ASN B 56 -0.41 30.50 23.58
C ASN B 56 -1.41 29.57 22.86
N ARG B 57 -0.96 28.39 22.42
CA ARG B 57 -1.77 27.55 21.53
C ARG B 57 -3.09 27.07 22.15
N ALA B 58 -3.15 26.97 23.48
CA ALA B 58 -4.40 26.64 24.17
C ALA B 58 -5.53 27.63 23.85
N GLU B 59 -5.17 28.88 23.59
CA GLU B 59 -6.14 29.94 23.27
C GLU B 59 -6.46 30.08 21.78
N LEU B 60 -5.88 29.21 20.94
CA LEU B 60 -6.05 29.31 19.49
C LEU B 60 -7.01 28.23 18.99
N SER B 61 -7.86 28.61 18.04
CA SER B 61 -8.86 27.72 17.49
C SER B 61 -9.25 28.19 16.09
N PRO B 62 -10.07 27.39 15.37
CA PRO B 62 -10.56 27.85 14.09
C PRO B 62 -11.45 29.09 14.17
N LYS B 63 -11.91 29.45 15.37
CA LYS B 63 -12.72 30.64 15.57
C LYS B 63 -12.04 31.73 16.42
N ALA B 64 -10.87 31.42 16.99
CA ALA B 64 -10.14 32.39 17.81
C ALA B 64 -8.65 32.35 17.48
N ALA B 65 -8.18 33.42 16.84
CA ALA B 65 -6.77 33.56 16.48
C ALA B 65 -6.63 34.91 15.79
N SER B 66 -5.60 35.66 16.18
CA SER B 66 -5.37 36.98 15.62
C SER B 66 -5.09 36.88 14.12
N ALA B 67 -5.37 37.96 13.40
CA ALA B 67 -5.02 38.05 11.99
C ALA B 67 -3.52 37.87 11.77
N GLU B 68 -2.71 38.40 12.69
CA GLU B 68 -1.24 38.29 12.61
C GLU B 68 -0.81 36.82 12.65
N ILE B 69 -1.35 36.08 13.62
CA ILE B 69 -1.01 34.66 13.76
C ILE B 69 -1.48 33.84 12.53
N ARG B 70 -2.73 34.03 12.11
CA ARG B 70 -3.25 33.35 10.91
C ARG B 70 -2.39 33.64 9.67
N GLU B 71 -2.00 34.89 9.49
CA GLU B 71 -1.16 35.27 8.36
C GLU B 71 0.23 34.63 8.45
N ALA B 72 0.81 34.64 9.64
CA ALA B 72 2.16 34.09 9.84
C ALA B 72 2.18 32.59 9.56
N VAL B 73 1.23 31.86 10.14
CA VAL B 73 1.13 30.41 9.93
C VAL B 73 0.89 30.07 8.45
N ALA B 74 -0.04 30.77 7.80
CA ALA B 74 -0.31 30.60 6.38
C ALA B 74 0.92 30.85 5.52
N HIS B 75 1.68 31.90 5.84
CA HIS B 75 2.91 32.19 5.12
C HIS B 75 3.95 31.12 5.29
N ALA B 76 4.08 30.59 6.51
CA ALA B 76 5.02 29.50 6.79
C ALA B 76 4.68 28.27 5.95
N ILE B 77 3.39 27.94 5.91
CA ILE B 77 2.93 26.80 5.10
C ILE B 77 3.24 27.04 3.62
N GLU B 78 2.95 28.25 3.13
CA GLU B 78 3.24 28.59 1.73
C GLU B 78 4.73 28.45 1.41
N GLN B 79 5.59 28.89 2.34
CA GLN B 79 7.04 28.80 2.16
C GLN B 79 7.54 27.33 2.17
N LEU B 80 6.96 26.50 3.03
CA LEU B 80 7.26 25.07 3.02
C LEU B 80 6.83 24.46 1.69
N ASP B 81 5.64 24.83 1.24
CA ASP B 81 5.07 24.30 0.00
C ASP B 81 5.94 24.63 -1.20
N ARG B 82 6.51 25.83 -1.21
CA ARG B 82 7.41 26.26 -2.28
C ARG B 82 8.85 25.77 -2.15
N GLY B 83 9.19 25.20 -0.99
CA GLY B 83 10.57 24.82 -0.71
C GLY B 83 11.48 25.99 -0.34
N ALA B 84 10.91 27.16 -0.09
CA ALA B 84 11.71 28.34 0.32
C ALA B 84 12.19 28.20 1.76
N LEU B 85 11.38 27.50 2.56
CA LEU B 85 11.79 27.02 3.88
C LEU B 85 11.66 25.50 3.91
N ARG B 86 12.37 24.88 4.84
CA ARG B 86 12.32 23.42 5.00
C ARG B 86 12.51 23.06 6.47
N VAL B 87 11.90 21.96 6.89
CA VAL B 87 11.84 21.61 8.32
C VAL B 87 13.20 21.24 8.90
N ALA B 88 14.00 20.54 8.10
CA ALA B 88 15.38 20.24 8.46
C ALA B 88 16.25 20.53 7.25
N GLU B 89 17.48 20.95 7.50
CA GLU B 89 18.45 21.19 6.43
C GLU B 89 19.85 21.00 6.95
N LYS B 90 20.78 20.76 6.04
CA LYS B 90 22.16 20.47 6.38
C LYS B 90 22.89 21.79 6.53
N ILE B 91 23.31 22.12 7.75
CA ILE B 91 24.03 23.37 8.04
C ILE B 91 25.42 23.05 8.58
N ASP B 92 26.45 23.40 7.80
CA ASP B 92 27.85 23.14 8.17
C ASP B 92 28.12 21.64 8.28
N GLY B 93 27.54 20.87 7.38
CA GLY B 93 27.72 19.41 7.34
C GLY B 93 26.79 18.65 8.28
N ALA B 94 25.96 19.38 9.04
CA ALA B 94 25.16 18.79 10.10
C ALA B 94 23.68 19.05 9.85
N TRP B 95 22.89 17.98 9.78
CA TRP B 95 21.43 18.11 9.67
C TRP B 95 20.86 18.74 10.92
N THR B 96 20.05 19.77 10.73
CA THR B 96 19.50 20.57 11.82
C THR B 96 18.01 20.77 11.61
N VAL B 97 17.22 20.56 12.66
CA VAL B 97 15.78 20.77 12.58
C VAL B 97 15.40 22.19 13.00
N HIS B 98 14.42 22.77 12.30
CA HIS B 98 13.84 24.05 12.69
C HIS B 98 12.55 23.76 13.38
N GLN B 99 12.58 23.76 14.71
CA GLN B 99 11.40 23.38 15.48
C GLN B 99 10.21 24.28 15.19
N TRP B 100 10.47 25.56 14.93
CA TRP B 100 9.40 26.52 14.67
C TRP B 100 8.60 26.20 13.44
N LEU B 101 9.19 25.53 12.47
CA LEU B 101 8.45 25.11 11.28
C LEU B 101 7.53 23.92 11.56
N LYS B 102 7.95 23.03 12.46
CA LYS B 102 7.05 21.99 12.95
C LYS B 102 5.89 22.61 13.73
N LYS B 103 6.21 23.59 14.58
CA LYS B 103 5.18 24.34 15.29
C LYS B 103 4.18 24.98 14.33
N ALA B 104 4.69 25.55 13.23
CA ALA B 104 3.83 26.15 12.21
C ALA B 104 2.90 25.11 11.63
N VAL B 105 3.43 23.93 11.31
CA VAL B 105 2.58 22.84 10.78
C VAL B 105 1.50 22.46 11.79
N LEU B 106 1.88 22.29 13.05
CA LEU B 106 0.92 21.87 14.08
C LEU B 106 -0.13 22.97 14.32
N LEU B 107 0.29 24.23 14.31
CA LEU B 107 -0.67 25.34 14.44
C LEU B 107 -1.64 25.39 13.27
N SER B 108 -1.15 25.07 12.07
CA SER B 108 -1.99 25.03 10.89
C SER B 108 -3.17 24.04 11.08
N PHE B 109 -2.95 22.97 11.85
CA PHE B 109 -4.04 22.03 12.16
C PHE B 109 -5.00 22.67 13.14
N ARG B 110 -4.45 23.32 14.15
CA ARG B 110 -5.26 23.90 15.21
C ARG B 110 -6.19 24.99 14.68
N LEU B 111 -5.72 25.73 13.67
CA LEU B 111 -6.43 26.89 13.14
C LEU B 111 -7.52 26.56 12.11
N GLU B 112 -7.69 25.28 11.77
CA GLU B 112 -8.63 24.90 10.74
C GLU B 112 -9.57 23.76 11.18
N ASP B 113 -10.83 23.86 10.78
CA ASP B 113 -11.82 22.82 11.02
C ASP B 113 -11.79 21.80 9.89
N ASN B 114 -12.15 20.58 10.23
CA ASN B 114 -12.40 19.56 9.21
C ASN B 114 -13.62 19.98 8.40
N ALA B 115 -13.61 19.68 7.11
CA ALA B 115 -14.75 19.98 6.24
C ALA B 115 -14.86 18.89 5.19
N PRO B 116 -16.08 18.61 4.69
CA PRO B 116 -16.20 17.64 3.61
C PRO B 116 -15.41 18.06 2.37
N MET B 117 -14.82 17.07 1.70
CA MET B 117 -14.06 17.33 0.48
C MET B 117 -14.66 16.51 -0.65
N PRO B 118 -15.08 17.19 -1.74
CA PRO B 118 -15.81 16.52 -2.81
C PRO B 118 -14.90 15.79 -3.79
N ALA B 119 -15.45 14.78 -4.42
CA ALA B 119 -14.66 13.87 -5.28
C ALA B 119 -15.44 13.34 -6.49
N GLY B 120 -16.50 14.05 -6.89
CA GLY B 120 -17.23 13.71 -8.10
C GLY B 120 -18.32 12.68 -7.97
N GLY B 121 -18.56 12.23 -6.74
CA GLY B 121 -19.76 11.43 -6.43
C GLY B 121 -19.47 10.11 -5.73
N TYR B 122 -18.42 9.41 -6.10
CA TYR B 122 -18.24 8.04 -5.59
C TYR B 122 -18.02 8.00 -4.08
N SER B 123 -17.39 9.02 -3.55
CA SER B 123 -17.13 9.13 -2.13
C SER B 123 -16.83 10.58 -1.77
N GLN B 124 -16.63 10.83 -0.49
CA GLN B 124 -16.20 12.11 0.02
C GLN B 124 -15.14 11.90 1.07
N PHE B 125 -14.36 12.93 1.31
CA PHE B 125 -13.36 12.91 2.38
C PHE B 125 -13.75 13.96 3.40
N TYR B 126 -13.04 13.96 4.52
CA TYR B 126 -13.37 14.86 5.63
C TYR B 126 -12.10 15.11 6.44
N ASP B 127 -11.49 16.26 6.19
CA ASP B 127 -10.18 16.59 6.74
C ASP B 127 -10.00 18.10 6.77
N LYS B 128 -8.91 18.54 7.40
CA LYS B 128 -8.64 19.95 7.59
C LYS B 128 -7.36 20.43 6.89
N VAL B 129 -6.69 19.54 6.14
CA VAL B 129 -5.47 19.89 5.41
C VAL B 129 -5.75 19.79 3.92
N PRO B 130 -5.63 20.90 3.18
CA PRO B 130 -5.93 20.78 1.76
C PRO B 130 -4.85 20.03 0.97
N SER B 131 -5.25 19.52 -0.18
CA SER B 131 -4.29 19.04 -1.15
C SER B 131 -3.38 20.17 -1.60
N LYS B 132 -2.10 19.84 -1.81
CA LYS B 132 -1.15 20.76 -2.41
C LYS B 132 -1.68 21.29 -3.73
N PHE B 133 -2.41 20.44 -4.45
CA PHE B 133 -2.82 20.72 -5.83
C PHE B 133 -4.24 21.25 -5.96
N ALA B 134 -4.88 21.53 -4.82
CA ALA B 134 -6.29 21.96 -4.80
C ALA B 134 -6.57 23.11 -5.77
N ASN B 135 -5.68 24.11 -5.77
CA ASN B 135 -5.90 25.32 -6.56
C ASN B 135 -4.93 25.50 -7.72
N TYR B 136 -4.18 24.44 -8.07
CA TYR B 136 -3.24 24.51 -9.19
C TYR B 136 -3.94 24.77 -10.52
N THR B 137 -3.33 25.66 -11.30
CA THR B 137 -3.72 25.91 -12.67
C THR B 137 -2.85 25.04 -13.59
N ALA B 138 -3.18 25.00 -14.87
CA ALA B 138 -2.32 24.34 -15.86
C ALA B 138 -0.91 24.92 -15.83
N GLU B 139 -0.81 26.24 -15.65
CA GLU B 139 0.49 26.93 -15.62
C GLU B 139 1.30 26.59 -14.37
N ASP B 140 0.62 26.45 -13.24
CA ASP B 140 1.26 26.01 -11.99
C ASP B 140 1.91 24.65 -12.16
N PHE B 141 1.17 23.71 -12.75
CA PHE B 141 1.70 22.38 -13.02
C PHE B 141 2.87 22.44 -13.99
N ALA B 142 2.71 23.23 -15.07
CA ALA B 142 3.80 23.42 -16.04
C ALA B 142 5.07 23.91 -15.34
N ALA B 143 4.93 24.94 -14.52
CA ALA B 143 6.07 25.56 -13.86
C ALA B 143 6.74 24.66 -12.82
N GLY B 144 5.96 23.81 -12.16
CA GLY B 144 6.49 22.90 -11.14
C GLY B 144 7.46 21.86 -11.66
N GLY B 145 7.23 21.39 -12.88
CA GLY B 145 8.12 20.46 -13.55
C GLY B 145 8.11 19.05 -13.02
N PHE B 146 7.06 18.69 -12.28
CA PHE B 146 6.92 17.31 -11.77
C PHE B 146 5.64 16.66 -12.33
N ARG B 147 5.48 15.35 -12.12
CA ARG B 147 4.30 14.64 -12.57
C ARG B 147 3.56 14.05 -11.39
N VAL B 148 2.24 14.11 -11.46
CA VAL B 148 1.38 13.57 -10.39
C VAL B 148 0.47 12.55 -11.04
N VAL B 149 0.86 11.29 -10.92
CA VAL B 149 0.18 10.19 -11.60
C VAL B 149 -1.04 9.80 -10.76
N PRO B 150 -2.25 9.78 -11.36
CA PRO B 150 -3.42 9.52 -10.51
C PRO B 150 -3.43 8.13 -9.92
N PRO B 151 -3.85 7.97 -8.64
CA PRO B 151 -4.40 8.96 -7.71
C PRO B 151 -3.43 9.53 -6.67
N ALA B 152 -2.18 9.77 -7.07
CA ALA B 152 -1.20 10.33 -6.14
C ALA B 152 -1.67 11.67 -5.59
N ILE B 153 -1.23 11.97 -4.37
CA ILE B 153 -1.58 13.20 -3.70
C ILE B 153 -0.45 13.64 -2.77
N ALA B 154 -0.37 14.95 -2.55
CA ALA B 154 0.55 15.55 -1.58
C ALA B 154 -0.25 16.58 -0.82
N ARG B 155 0.01 16.73 0.48
CA ARG B 155 -0.62 17.77 1.29
C ARG B 155 0.04 19.12 1.09
N ARG B 156 -0.78 20.17 1.15
CA ARG B 156 -0.31 21.55 1.13
C ARG B 156 0.71 21.73 2.26
N GLY B 157 1.84 22.36 1.96
CA GLY B 157 2.92 22.47 2.92
C GLY B 157 4.03 21.44 2.75
N SER B 158 4.01 20.72 1.62
CA SER B 158 5.12 19.87 1.20
C SER B 158 5.68 20.41 -0.11
N PHE B 159 7.00 20.25 -0.29
CA PHE B 159 7.68 20.70 -1.48
C PHE B 159 7.95 19.52 -2.40
N ILE B 160 7.55 19.66 -3.67
CA ILE B 160 7.89 18.69 -4.72
C ILE B 160 8.74 19.41 -5.77
N ALA B 161 9.98 18.98 -5.93
CA ALA B 161 10.94 19.63 -6.84
C ALA B 161 10.68 19.28 -8.31
N LYS B 162 11.37 19.95 -9.23
CA LYS B 162 11.21 19.61 -10.64
C LYS B 162 11.83 18.25 -10.94
N ASN B 163 11.31 17.61 -11.98
CA ASN B 163 11.74 16.29 -12.44
C ASN B 163 11.46 15.15 -11.48
N VAL B 164 10.59 15.41 -10.51
CA VAL B 164 10.09 14.38 -9.62
C VAL B 164 8.92 13.71 -10.33
N VAL B 165 8.82 12.39 -10.20
CA VAL B 165 7.63 11.66 -10.63
C VAL B 165 6.97 11.03 -9.41
N LEU B 166 5.75 11.46 -9.14
CA LEU B 166 4.94 10.84 -8.10
C LEU B 166 4.01 9.83 -8.77
N MET B 167 4.40 8.55 -8.69
CA MET B 167 3.43 7.49 -8.98
C MET B 167 2.38 7.54 -7.87
N PRO B 168 1.26 6.80 -8.00
CA PRO B 168 0.29 6.82 -6.91
C PRO B 168 0.99 6.57 -5.57
N SER B 169 0.91 7.54 -4.68
CA SER B 169 1.75 7.61 -3.51
C SER B 169 1.21 8.75 -2.64
N TYR B 170 1.77 8.88 -1.46
CA TYR B 170 1.34 9.90 -0.51
C TYR B 170 2.55 10.69 0.00
N THR B 171 2.47 12.01 -0.09
CA THR B 171 3.47 12.91 0.49
C THR B 171 2.77 13.78 1.53
N ASN B 172 3.18 13.63 2.78
CA ASN B 172 2.54 14.30 3.91
C ASN B 172 3.12 15.69 4.11
N ILE B 173 2.43 16.49 4.92
CA ILE B 173 2.81 17.88 5.16
C ILE B 173 4.21 18.00 5.76
N GLY B 174 4.93 19.03 5.34
CA GLY B 174 6.26 19.30 5.85
C GLY B 174 7.37 18.58 5.10
N ALA B 175 7.02 17.61 4.26
CA ALA B 175 8.03 16.87 3.50
C ALA B 175 8.68 17.71 2.41
N TYR B 176 9.89 17.33 2.04
CA TYR B 176 10.68 18.00 1.00
C TYR B 176 11.21 16.91 0.09
N VAL B 177 10.75 16.90 -1.16
CA VAL B 177 11.17 15.89 -2.14
C VAL B 177 11.96 16.58 -3.26
N ASP B 178 13.27 16.33 -3.29
CA ASP B 178 14.14 17.13 -4.13
C ASP B 178 14.25 16.57 -5.55
N GLU B 179 14.92 17.35 -6.39
CA GLU B 179 14.90 17.17 -7.84
C GLU B 179 15.26 15.77 -8.30
N GLY B 180 14.53 15.28 -9.30
CA GLY B 180 14.88 14.05 -10.00
C GLY B 180 14.44 12.79 -9.29
N THR B 181 13.78 12.93 -8.15
CA THR B 181 13.40 11.78 -7.35
C THR B 181 12.17 11.05 -7.91
N MET B 182 12.20 9.71 -7.83
CA MET B 182 11.10 8.84 -8.26
CA MET B 182 11.08 8.90 -8.25
C MET B 182 10.44 8.31 -6.99
N VAL B 183 9.12 8.52 -6.86
CA VAL B 183 8.35 7.99 -5.74
C VAL B 183 7.39 6.98 -6.37
N ASP B 184 7.59 5.70 -6.10
CA ASP B 184 6.89 4.65 -6.85
C ASP B 184 5.56 4.30 -6.18
N THR B 185 4.87 3.32 -6.74
CA THR B 185 3.47 3.09 -6.44
C THR B 185 3.26 2.58 -5.00
N TRP B 186 2.33 3.23 -4.31
CA TRP B 186 2.00 3.03 -2.90
C TRP B 186 3.17 3.27 -1.97
N ALA B 187 4.11 4.12 -2.38
CA ALA B 187 5.13 4.62 -1.48
C ALA B 187 4.54 5.75 -0.66
N THR B 188 5.20 6.05 0.46
CA THR B 188 4.82 7.13 1.36
C THR B 188 6.00 7.98 1.74
N VAL B 189 5.87 9.28 1.58
CA VAL B 189 6.83 10.24 2.11
C VAL B 189 6.16 10.92 3.30
N GLY B 190 6.59 10.54 4.50
CA GLY B 190 5.95 10.97 5.74
C GLY B 190 6.23 12.40 6.14
N SER B 191 5.54 12.84 7.20
CA SER B 191 5.59 14.23 7.61
C SER B 191 7.02 14.66 7.92
N CYS B 192 7.41 15.80 7.35
CA CYS B 192 8.70 16.44 7.58
C CYS B 192 9.89 15.70 6.97
N ALA B 193 9.65 14.57 6.30
CA ALA B 193 10.77 13.81 5.69
C ALA B 193 11.55 14.65 4.70
N GLN B 194 12.88 14.49 4.69
CA GLN B 194 13.74 15.17 3.74
C GLN B 194 14.30 14.15 2.75
N ILE B 195 13.82 14.23 1.50
CA ILE B 195 14.24 13.29 0.45
C ILE B 195 15.15 14.06 -0.51
N GLY B 196 16.35 13.54 -0.73
CA GLY B 196 17.33 14.26 -1.54
C GLY B 196 17.08 14.17 -3.03
N LYS B 197 18.08 14.61 -3.78
CA LYS B 197 18.01 14.60 -5.24
C LYS B 197 18.31 13.21 -5.78
N ASN B 198 17.63 12.83 -6.87
CA ASN B 198 17.88 11.59 -7.60
C ASN B 198 17.72 10.33 -6.74
N VAL B 199 16.77 10.38 -5.82
CA VAL B 199 16.46 9.25 -4.96
C VAL B 199 15.39 8.41 -5.65
N HIS B 200 15.48 7.09 -5.46
CA HIS B 200 14.47 6.19 -5.96
C HIS B 200 13.83 5.49 -4.78
N LEU B 201 12.59 5.87 -4.49
CA LEU B 201 11.78 5.18 -3.50
C LEU B 201 10.91 4.19 -4.25
N SER B 202 11.24 2.91 -4.13
CA SER B 202 10.57 1.87 -4.91
C SER B 202 9.15 1.61 -4.39
N GLY B 203 8.43 0.76 -5.10
CA GLY B 203 7.05 0.42 -4.73
C GLY B 203 6.86 0.02 -3.28
N GLY B 204 5.83 0.59 -2.64
CA GLY B 204 5.48 0.24 -1.28
C GLY B 204 6.49 0.67 -0.21
N VAL B 205 7.45 1.52 -0.56
CA VAL B 205 8.43 2.01 0.43
C VAL B 205 7.75 3.04 1.33
N GLY B 206 7.94 2.90 2.63
CA GLY B 206 7.41 3.84 3.60
C GLY B 206 8.53 4.62 4.24
N ILE B 207 8.46 5.94 4.12
CA ILE B 207 9.35 6.83 4.84
C ILE B 207 8.51 7.44 5.96
N GLY B 208 8.88 7.16 7.20
CA GLY B 208 8.07 7.56 8.34
C GLY B 208 8.09 9.05 8.56
N GLY B 209 7.04 9.54 9.22
CA GLY B 209 6.96 10.95 9.63
C GLY B 209 7.52 11.18 11.02
N VAL B 210 7.96 12.41 11.27
CA VAL B 210 8.45 12.80 12.59
C VAL B 210 8.08 14.26 12.84
N LEU B 211 6.78 14.51 12.96
CA LEU B 211 6.31 15.85 13.29
C LEU B 211 6.54 16.10 14.77
N GLU B 212 6.32 15.09 15.60
CA GLU B 212 6.69 15.17 17.01
C GLU B 212 7.58 13.97 17.36
N PRO B 213 8.47 14.12 18.35
CA PRO B 213 8.72 15.31 19.16
C PRO B 213 9.36 16.42 18.35
N LEU B 214 9.20 17.66 18.82
CA LEU B 214 9.63 18.83 18.06
C LEU B 214 11.13 18.87 17.77
N GLN B 215 11.94 18.42 18.73
CA GLN B 215 13.40 18.45 18.58
C GLN B 215 13.93 17.34 17.68
N ALA B 216 13.12 16.32 17.41
CA ALA B 216 13.60 15.10 16.75
C ALA B 216 13.82 15.32 15.25
N ASN B 217 14.97 14.86 14.75
CA ASN B 217 15.25 14.93 13.31
C ASN B 217 14.21 14.10 12.54
N PRO B 218 13.73 14.61 11.40
CA PRO B 218 12.87 13.77 10.58
C PRO B 218 13.67 12.68 9.89
N VAL B 219 13.00 11.72 9.25
CA VAL B 219 13.73 10.76 8.42
C VAL B 219 14.38 11.52 7.27
N ILE B 220 15.65 11.21 7.03
CA ILE B 220 16.43 11.88 5.99
C ILE B 220 17.02 10.83 5.05
N ILE B 221 16.70 10.98 3.77
CA ILE B 221 17.27 10.14 2.72
C ILE B 221 18.09 11.06 1.83
N GLU B 222 19.41 10.88 1.85
CA GLU B 222 20.31 11.80 1.18
C GLU B 222 20.34 11.49 -0.32
N ASP B 223 21.07 12.32 -1.06
CA ASP B 223 21.10 12.23 -2.52
C ASP B 223 21.50 10.87 -3.07
N ASN B 224 20.91 10.50 -4.20
CA ASN B 224 21.32 9.33 -5.00
C ASN B 224 21.15 7.98 -4.30
N CYS B 225 20.24 7.91 -3.34
CA CYS B 225 19.95 6.66 -2.66
C CYS B 225 18.92 5.85 -3.42
N PHE B 226 19.09 4.54 -3.43
CA PHE B 226 18.08 3.60 -3.91
C PHE B 226 17.49 2.86 -2.72
N ILE B 227 16.17 2.88 -2.61
CA ILE B 227 15.49 2.14 -1.56
CA ILE B 227 15.48 2.16 -1.56
C ILE B 227 14.57 1.13 -2.23
N GLY B 228 14.85 -0.15 -2.00
CA GLY B 228 14.16 -1.22 -2.68
C GLY B 228 12.75 -1.42 -2.18
N ALA B 229 11.97 -2.12 -2.99
CA ALA B 229 10.54 -2.31 -2.75
C ALA B 229 10.19 -2.82 -1.35
N ARG B 230 9.15 -2.22 -0.81
CA ARG B 230 8.51 -2.61 0.43
C ARG B 230 9.41 -2.42 1.68
N SER B 231 10.51 -1.68 1.53
CA SER B 231 11.34 -1.30 2.64
C SER B 231 10.72 -0.12 3.40
N GLU B 232 11.23 0.12 4.61
CA GLU B 232 10.70 1.14 5.50
C GLU B 232 11.86 1.85 6.19
N VAL B 233 11.78 3.17 6.25
CA VAL B 233 12.77 3.94 6.99
C VAL B 233 11.98 4.89 7.89
N VAL B 234 12.10 4.72 9.20
CA VAL B 234 11.26 5.46 10.16
C VAL B 234 12.05 6.04 11.32
N GLU B 235 11.35 6.85 12.12
CA GLU B 235 11.82 7.23 13.45
C GLU B 235 13.16 7.96 13.41
N GLY B 236 13.34 8.79 12.39
CA GLY B 236 14.51 9.67 12.31
C GLY B 236 15.80 9.01 11.87
N VAL B 237 15.72 7.77 11.37
CA VAL B 237 16.89 7.16 10.74
C VAL B 237 17.34 8.02 9.58
N ILE B 238 18.65 8.15 9.42
CA ILE B 238 19.20 8.83 8.27
C ILE B 238 19.91 7.83 7.37
N VAL B 239 19.59 7.86 6.09
CA VAL B 239 20.28 7.09 5.08
C VAL B 239 21.18 8.05 4.29
N GLU B 240 22.49 7.88 4.45
CA GLU B 240 23.46 8.79 3.83
C GLU B 240 23.62 8.54 2.34
N GLU B 241 24.19 9.52 1.66
CA GLU B 241 24.18 9.57 0.21
C GLU B 241 24.81 8.35 -0.44
N ASN B 242 24.31 8.03 -1.63
CA ASN B 242 24.85 6.95 -2.48
C ASN B 242 24.64 5.54 -1.94
N SER B 243 23.70 5.41 -1.01
CA SER B 243 23.41 4.11 -0.40
C SER B 243 22.42 3.33 -1.26
N VAL B 244 22.51 2.01 -1.18
CA VAL B 244 21.61 1.11 -1.88
C VAL B 244 20.96 0.19 -0.85
N ILE B 245 19.65 0.33 -0.66
CA ILE B 245 18.89 -0.49 0.29
C ILE B 245 18.05 -1.47 -0.51
N SER B 246 18.14 -2.76 -0.18
CA SER B 246 17.42 -3.78 -0.93
C SER B 246 15.95 -3.81 -0.51
N MET B 247 15.21 -4.78 -1.05
CA MET B 247 13.81 -5.03 -0.68
C MET B 247 13.67 -5.56 0.74
N GLY B 248 12.58 -5.19 1.39
CA GLY B 248 12.24 -5.75 2.69
C GLY B 248 13.21 -5.42 3.79
N VAL B 249 13.81 -4.23 3.69
CA VAL B 249 14.70 -3.75 4.73
C VAL B 249 13.90 -2.76 5.57
N TYR B 250 13.77 -3.03 6.87
CA TYR B 250 12.97 -2.21 7.78
C TYR B 250 13.87 -1.56 8.79
N LEU B 251 14.03 -0.25 8.69
CA LEU B 251 14.98 0.49 9.51
C LEU B 251 14.28 1.50 10.41
N GLY B 252 14.27 1.21 11.71
CA GLY B 252 13.82 2.15 12.74
C GLY B 252 14.94 2.34 13.75
N GLN B 253 14.66 3.05 14.84
CA GLN B 253 15.70 3.37 15.81
C GLN B 253 16.17 2.15 16.59
N SER B 254 15.34 1.11 16.65
CA SER B 254 15.70 -0.12 17.34
C SER B 254 16.31 -1.19 16.42
N THR B 255 16.37 -0.93 15.11
CA THR B 255 16.88 -1.94 14.18
C THR B 255 18.40 -2.05 14.25
N LYS B 256 18.89 -3.26 14.54
CA LYS B 256 20.32 -3.51 14.52
C LYS B 256 20.84 -3.41 13.09
N ILE B 257 21.85 -2.59 12.90
CA ILE B 257 22.57 -2.50 11.64
C ILE B 257 23.90 -3.18 11.84
N TYR B 258 24.06 -4.34 11.22
CA TYR B 258 25.24 -5.17 11.36
C TYR B 258 26.18 -4.93 10.18
N ASP B 259 27.39 -4.48 10.47
CA ASP B 259 28.40 -4.29 9.44
C ASP B 259 29.17 -5.60 9.29
N ARG B 260 28.98 -6.26 8.15
CA ARG B 260 29.55 -7.56 7.91
C ARG B 260 31.08 -7.54 7.98
N GLU B 261 31.68 -6.48 7.46
CA GLU B 261 33.16 -6.38 7.40
C GLU B 261 33.78 -6.30 8.80
N THR B 262 33.18 -5.48 9.67
CA THR B 262 33.76 -5.18 10.99
C THR B 262 33.14 -5.97 12.14
N GLY B 263 31.94 -6.51 11.93
CA GLY B 263 31.19 -7.17 13.00
C GLY B 263 30.52 -6.23 13.98
N GLU B 264 30.53 -4.92 13.69
CA GLU B 264 29.99 -3.92 14.59
C GLU B 264 28.49 -3.75 14.38
N VAL B 265 27.75 -3.59 15.48
CA VAL B 265 26.32 -3.28 15.43
C VAL B 265 26.12 -1.80 15.78
N THR B 266 25.35 -1.10 14.95
CA THR B 266 25.01 0.29 15.21
C THR B 266 23.51 0.52 14.98
N TYR B 267 23.02 1.71 15.33
CA TYR B 267 21.62 2.06 15.17
C TYR B 267 21.48 3.46 14.58
N GLY B 268 20.45 3.63 13.75
CA GLY B 268 19.96 4.97 13.40
C GLY B 268 20.60 5.66 12.20
N ARG B 269 21.59 5.02 11.59
CA ARG B 269 22.37 5.64 10.52
CA ARG B 269 22.38 5.64 10.54
C ARG B 269 22.92 4.62 9.54
N ILE B 270 22.66 4.84 8.25
CA ILE B 270 23.28 4.05 7.19
C ILE B 270 24.40 4.91 6.59
N PRO B 271 25.67 4.52 6.80
CA PRO B 271 26.78 5.35 6.30
C PRO B 271 26.78 5.48 4.78
N ALA B 272 27.32 6.60 4.28
CA ALA B 272 27.31 6.90 2.85
C ALA B 272 27.89 5.74 2.04
N GLY B 273 27.24 5.43 0.92
CA GLY B 273 27.70 4.36 0.03
C GLY B 273 27.47 2.93 0.51
N SER B 274 26.64 2.73 1.54
CA SER B 274 26.39 1.38 2.07
C SER B 274 25.43 0.62 1.15
N VAL B 275 25.68 -0.68 0.99
CA VAL B 275 24.73 -1.60 0.36
C VAL B 275 24.15 -2.46 1.48
N VAL B 276 22.82 -2.39 1.65
CA VAL B 276 22.11 -2.94 2.81
C VAL B 276 21.06 -3.96 2.38
N VAL B 277 21.10 -5.14 3.03
CA VAL B 277 20.15 -6.22 2.76
C VAL B 277 19.54 -6.68 4.08
N ALA B 278 18.43 -7.41 4.00
CA ALA B 278 17.79 -7.99 5.18
C ALA B 278 18.56 -9.22 5.62
N GLY B 279 18.73 -9.35 6.93
CA GLY B 279 19.38 -10.51 7.53
C GLY B 279 18.82 -10.81 8.91
N ASN B 280 19.55 -11.63 9.63
CA ASN B 280 19.20 -12.01 11.00
C ASN B 280 20.51 -12.13 11.77
N LEU B 281 20.44 -11.96 13.09
CA LEU B 281 21.55 -12.26 14.00
C LEU B 281 21.14 -13.41 14.91
N PRO B 282 22.03 -14.40 15.09
CA PRO B 282 21.68 -15.58 15.89
C PRO B 282 21.63 -15.30 17.39
N ALA B 283 20.63 -15.86 18.07
CA ALA B 283 20.61 -15.85 19.52
C ALA B 283 21.78 -16.70 20.02
N LYS B 284 22.36 -16.28 21.14
CA LYS B 284 23.44 -17.05 21.78
C LYS B 284 23.11 -18.52 21.99
N ASP B 285 21.88 -18.82 22.38
CA ASP B 285 21.50 -20.18 22.71
C ASP B 285 21.21 -21.07 21.50
N GLY B 286 21.29 -20.50 20.29
CA GLY B 286 21.13 -21.26 19.06
C GLY B 286 19.71 -21.68 18.71
N THR B 287 18.71 -21.21 19.47
CA THR B 287 17.34 -21.66 19.24
C THR B 287 16.60 -20.86 18.16
N HIS B 288 17.08 -19.65 17.90
CA HIS B 288 16.42 -18.76 16.94
C HIS B 288 17.34 -17.63 16.55
N SER B 289 16.88 -16.80 15.64
CA SER B 289 17.60 -15.59 15.27
C SER B 289 16.59 -14.46 15.11
N LEU B 290 17.09 -13.23 15.13
CA LEU B 290 16.23 -12.04 15.10
C LEU B 290 16.61 -11.14 13.95
N TYR B 291 15.60 -10.50 13.37
CA TYR B 291 15.77 -9.66 12.19
C TYR B 291 16.79 -8.54 12.42
N CYS B 292 17.60 -8.27 11.41
CA CYS B 292 18.46 -7.10 11.38
C CYS B 292 18.70 -6.65 9.94
N ALA B 293 19.35 -5.51 9.78
CA ALA B 293 19.86 -5.07 8.49
C ALA B 293 21.35 -5.36 8.47
N VAL B 294 21.85 -5.80 7.32
CA VAL B 294 23.28 -6.10 7.17
C VAL B 294 23.87 -5.23 6.07
N ILE B 295 24.95 -4.51 6.40
CA ILE B 295 25.72 -3.80 5.39
C ILE B 295 26.70 -4.80 4.81
N VAL B 296 26.50 -5.14 3.53
CA VAL B 296 27.27 -6.19 2.88
C VAL B 296 28.39 -5.64 2.00
N LYS B 297 28.33 -4.36 1.65
CA LYS B 297 29.32 -3.74 0.78
C LYS B 297 29.31 -2.24 0.97
N LYS B 298 30.44 -1.59 0.69
CA LYS B 298 30.54 -0.14 0.83
C LYS B 298 31.09 0.46 -0.47
N VAL B 299 30.37 1.45 -0.98
CA VAL B 299 30.51 2.03 -2.33
C VAL B 299 30.97 1.05 -3.39
N SER C 43 -0.93 -6.22 -38.38
CA SER C 43 -0.12 -6.53 -37.17
C SER C 43 1.38 -6.45 -37.48
N GLN C 44 1.78 -7.15 -38.55
CA GLN C 44 3.13 -7.02 -39.08
C GLN C 44 3.32 -5.62 -39.67
N GLN C 45 2.26 -5.11 -40.30
CA GLN C 45 2.23 -3.73 -40.80
C GLN C 45 2.34 -2.75 -39.63
N LEU C 46 1.68 -3.07 -38.51
CA LEU C 46 1.76 -2.25 -37.32
C LEU C 46 3.18 -2.26 -36.72
N GLN C 47 3.75 -3.47 -36.56
CA GLN C 47 5.13 -3.58 -36.05
C GLN C 47 6.11 -2.85 -36.96
N GLN C 48 5.89 -2.96 -38.27
CA GLN C 48 6.74 -2.29 -39.23
C GLN C 48 6.80 -0.77 -38.95
N ILE C 49 5.63 -0.14 -38.77
CA ILE C 49 5.56 1.31 -38.55
C ILE C 49 6.20 1.70 -37.20
N ILE C 50 5.89 0.93 -36.16
CA ILE C 50 6.44 1.20 -34.82
C ILE C 50 7.96 1.05 -34.78
N ASP C 51 8.48 -0.05 -35.33
CA ASP C 51 9.93 -0.31 -35.31
C ASP C 51 10.71 0.78 -36.04
N ASN C 52 10.19 1.25 -37.17
CA ASN C 52 10.83 2.35 -37.89
C ASN C 52 10.69 3.70 -37.16
N ALA C 53 9.54 3.93 -36.51
CA ALA C 53 9.35 5.15 -35.70
C ALA C 53 10.31 5.19 -34.52
N TRP C 54 10.54 4.01 -33.91
CA TRP C 54 11.51 3.89 -32.82
C TRP C 54 12.88 4.34 -33.23
N GLU C 55 13.34 3.87 -34.39
CA GLU C 55 14.65 4.25 -34.90
C GLU C 55 14.77 5.78 -35.03
N ASN C 56 13.69 6.44 -35.45
CA ASN C 56 13.67 7.88 -35.65
C ASN C 56 12.98 8.65 -34.53
N ARG C 57 12.97 8.08 -33.32
CA ARG C 57 12.21 8.66 -32.19
C ARG C 57 12.76 10.02 -31.73
N ALA C 58 14.03 10.27 -32.00
CA ALA C 58 14.64 11.57 -31.67
C ALA C 58 13.89 12.75 -32.32
N GLU C 59 13.26 12.52 -33.48
CA GLU C 59 12.47 13.55 -34.17
C GLU C 59 10.97 13.53 -33.83
N LEU C 60 10.57 12.84 -32.75
CA LEU C 60 9.17 12.74 -32.39
C LEU C 60 8.90 13.48 -31.08
N SER C 61 7.81 14.27 -31.06
CA SER C 61 7.41 15.01 -29.87
C SER C 61 5.89 15.17 -29.89
N PRO C 62 5.32 15.80 -28.85
CA PRO C 62 3.89 16.12 -28.91
C PRO C 62 3.54 17.13 -30.02
N LYS C 63 4.50 17.94 -30.45
CA LYS C 63 4.29 18.92 -31.50
C LYS C 63 4.71 18.44 -32.90
N ALA C 64 5.47 17.34 -32.98
CA ALA C 64 5.98 16.84 -34.27
C ALA C 64 5.93 15.32 -34.36
N ALA C 65 5.03 14.80 -35.19
CA ALA C 65 4.90 13.36 -35.42
C ALA C 65 3.90 13.10 -36.54
N SER C 66 4.27 12.24 -37.49
CA SER C 66 3.41 11.96 -38.64
C SER C 66 2.08 11.35 -38.20
N ALA C 67 1.06 11.57 -39.02
CA ALA C 67 -0.27 11.02 -38.75
C ALA C 67 -0.19 9.51 -38.68
N GLU C 68 0.55 8.90 -39.60
CA GLU C 68 0.72 7.45 -39.64
C GLU C 68 1.30 6.90 -38.34
N ILE C 69 2.31 7.57 -37.82
CA ILE C 69 2.99 7.12 -36.60
C ILE C 69 2.08 7.28 -35.37
N ARG C 70 1.37 8.39 -35.29
CA ARG C 70 0.42 8.61 -34.20
C ARG C 70 -0.69 7.56 -34.21
N GLU C 71 -1.22 7.25 -35.39
CA GLU C 71 -2.28 6.24 -35.53
C GLU C 71 -1.81 4.82 -35.20
N ALA C 72 -0.61 4.48 -35.63
CA ALA C 72 -0.02 3.17 -35.35
C ALA C 72 0.16 2.95 -33.85
N VAL C 73 0.77 3.94 -33.21
CA VAL C 73 1.02 3.88 -31.76
C VAL C 73 -0.31 3.81 -31.01
N ALA C 74 -1.26 4.68 -31.36
CA ALA C 74 -2.60 4.66 -30.77
C ALA C 74 -3.29 3.31 -30.94
N HIS C 75 -3.16 2.71 -32.12
CA HIS C 75 -3.75 1.40 -32.35
C HIS C 75 -3.06 0.30 -31.58
N ALA C 76 -1.73 0.38 -31.44
CA ALA C 76 -1.00 -0.59 -30.64
C ALA C 76 -1.47 -0.51 -29.18
N ILE C 77 -1.62 0.70 -28.66
CA ILE C 77 -2.14 0.90 -27.29
C ILE C 77 -3.56 0.32 -27.17
N GLU C 78 -4.43 0.61 -28.13
CA GLU C 78 -5.81 0.07 -28.13
C GLU C 78 -5.81 -1.47 -28.14
N GLN C 79 -4.91 -2.06 -28.92
CA GLN C 79 -4.78 -3.51 -29.00
C GLN C 79 -4.28 -4.15 -27.70
N LEU C 80 -3.28 -3.53 -27.07
CA LEU C 80 -2.84 -3.95 -25.74
C LEU C 80 -3.99 -3.83 -24.74
N ASP C 81 -4.75 -2.74 -24.83
CA ASP C 81 -5.83 -2.48 -23.88
C ASP C 81 -6.91 -3.57 -23.96
N ARG C 82 -7.19 -4.03 -25.18
CA ARG C 82 -8.21 -5.04 -25.40
C ARG C 82 -7.65 -6.46 -25.24
N GLY C 83 -6.34 -6.59 -25.08
CA GLY C 83 -5.70 -7.88 -24.94
C GLY C 83 -5.57 -8.63 -26.27
N ALA C 84 -5.72 -7.91 -27.37
CA ALA C 84 -5.59 -8.51 -28.71
C ALA C 84 -4.13 -8.72 -29.05
N LEU C 85 -3.28 -7.86 -28.47
CA LEU C 85 -1.83 -8.03 -28.46
C LEU C 85 -1.40 -8.03 -27.00
N ARG C 86 -0.22 -8.58 -26.73
CA ARG C 86 0.33 -8.63 -25.39
C ARG C 86 1.84 -8.57 -25.45
N VAL C 87 2.45 -7.96 -24.43
CA VAL C 87 3.87 -7.65 -24.47
C VAL C 87 4.74 -8.90 -24.46
N ALA C 88 4.27 -9.93 -23.75
CA ALA C 88 4.93 -11.23 -23.76
C ALA C 88 3.89 -12.34 -23.82
N GLU C 89 4.25 -13.44 -24.48
CA GLU C 89 3.37 -14.62 -24.55
C GLU C 89 4.18 -15.89 -24.78
N LYS C 90 3.53 -17.04 -24.63
CA LYS C 90 4.24 -18.32 -24.46
C LYS C 90 4.71 -19.09 -25.72
N ILE C 91 4.44 -18.60 -26.93
CA ILE C 91 4.96 -19.17 -28.21
C ILE C 91 5.88 -20.44 -28.21
N ASP C 92 5.36 -21.55 -28.76
CA ASP C 92 6.07 -22.84 -28.83
C ASP C 92 6.60 -23.32 -27.47
N GLY C 93 5.87 -23.01 -26.40
CA GLY C 93 6.21 -23.46 -25.05
C GLY C 93 7.18 -22.58 -24.26
N ALA C 94 7.60 -21.47 -24.85
CA ALA C 94 8.59 -20.57 -24.23
C ALA C 94 8.09 -19.13 -24.21
N TRP C 95 8.13 -18.51 -23.03
CA TRP C 95 7.79 -17.09 -22.89
C TRP C 95 8.69 -16.24 -23.74
N THR C 96 8.07 -15.39 -24.55
CA THR C 96 8.77 -14.55 -25.52
C THR C 96 8.29 -13.11 -25.47
N VAL C 97 9.22 -12.17 -25.50
CA VAL C 97 8.90 -10.74 -25.48
C VAL C 97 8.71 -10.21 -26.89
N HIS C 98 7.71 -9.35 -27.06
CA HIS C 98 7.52 -8.59 -28.29
C HIS C 98 8.04 -7.20 -28.05
N GLN C 99 9.31 -6.98 -28.37
CA GLN C 99 9.98 -5.70 -28.05
C GLN C 99 9.28 -4.49 -28.66
N TRP C 100 8.70 -4.68 -29.84
CA TRP C 100 8.04 -3.58 -30.54
C TRP C 100 6.85 -3.02 -29.81
N LEU C 101 6.21 -3.83 -28.96
CA LEU C 101 5.07 -3.35 -28.19
C LEU C 101 5.54 -2.52 -26.99
N LYS C 102 6.70 -2.88 -26.43
CA LYS C 102 7.36 -2.00 -25.47
C LYS C 102 7.71 -0.67 -26.13
N LYS C 103 8.21 -0.75 -27.36
CA LYS C 103 8.50 0.46 -28.11
C LYS C 103 7.23 1.30 -28.31
N ALA C 104 6.12 0.65 -28.64
CA ALA C 104 4.84 1.36 -28.79
C ALA C 104 4.50 2.12 -27.50
N VAL C 105 4.68 1.47 -26.35
CA VAL C 105 4.36 2.09 -25.06
C VAL C 105 5.25 3.30 -24.79
N LEU C 106 6.56 3.13 -25.01
CA LEU C 106 7.49 4.22 -24.81
C LEU C 106 7.19 5.39 -25.75
N LEU C 107 6.87 5.10 -27.01
CA LEU C 107 6.49 6.16 -27.95
C LEU C 107 5.25 6.91 -27.48
N SER C 108 4.28 6.18 -26.92
CA SER C 108 3.04 6.82 -26.48
C SER C 108 3.30 7.90 -25.42
N PHE C 109 4.36 7.72 -24.62
CA PHE C 109 4.79 8.74 -23.65
C PHE C 109 5.41 9.94 -24.36
N ARG C 110 6.28 9.66 -25.32
CA ARG C 110 6.94 10.72 -26.07
C ARG C 110 5.97 11.61 -26.86
N LEU C 111 4.88 11.02 -27.34
CA LEU C 111 3.93 11.74 -28.20
C LEU C 111 2.85 12.54 -27.47
N GLU C 112 2.83 12.53 -26.13
CA GLU C 112 1.81 13.23 -25.37
CA GLU C 112 1.79 13.21 -25.36
C GLU C 112 2.39 14.11 -24.28
N ASP C 113 1.77 15.27 -24.07
CA ASP C 113 2.14 16.17 -22.98
C ASP C 113 1.37 15.79 -21.73
N ASN C 114 1.95 16.14 -20.57
CA ASN C 114 1.19 16.09 -19.33
C ASN C 114 0.09 17.15 -19.36
N ALA C 115 -1.04 16.83 -18.75
CA ALA C 115 -2.17 17.76 -18.63
C ALA C 115 -2.85 17.56 -17.28
N PRO C 116 -3.45 18.62 -16.71
CA PRO C 116 -4.23 18.45 -15.49
C PRO C 116 -5.36 17.45 -15.70
N MET C 117 -5.64 16.68 -14.65
CA MET C 117 -6.70 15.69 -14.67
C MET C 117 -7.64 15.98 -13.50
N PRO C 118 -8.93 16.23 -13.79
CA PRO C 118 -9.88 16.65 -12.76
C PRO C 118 -10.42 15.49 -11.93
N ALA C 119 -10.83 15.81 -10.69
CA ALA C 119 -11.24 14.78 -9.74
C ALA C 119 -12.38 15.24 -8.81
N GLY C 120 -13.17 16.20 -9.26
CA GLY C 120 -14.33 16.65 -8.50
C GLY C 120 -14.07 17.63 -7.36
N GLY C 121 -12.83 18.08 -7.21
CA GLY C 121 -12.53 19.20 -6.34
C GLY C 121 -11.44 18.99 -5.30
N TYR C 122 -11.41 17.83 -4.66
CA TYR C 122 -10.48 17.65 -3.53
C TYR C 122 -9.02 17.76 -3.96
N SER C 123 -8.73 17.36 -5.19
CA SER C 123 -7.38 17.42 -5.72
C SER C 123 -7.41 17.34 -7.24
N GLN C 124 -6.22 17.48 -7.84
CA GLN C 124 -6.02 17.23 -9.27
C GLN C 124 -4.76 16.41 -9.46
N PHE C 125 -4.66 15.81 -10.64
CA PHE C 125 -3.47 15.05 -11.03
C PHE C 125 -2.90 15.69 -12.27
N TYR C 126 -1.73 15.23 -12.66
CA TYR C 126 -1.02 15.85 -13.76
C TYR C 126 -0.11 14.82 -14.41
N ASP C 127 -0.56 14.28 -15.53
CA ASP C 127 0.11 13.17 -16.17
C ASP C 127 -0.27 13.13 -17.63
N LYS C 128 0.40 12.26 -18.38
CA LYS C 128 0.21 12.14 -19.82
C LYS C 128 -0.34 10.80 -20.26
N VAL C 129 -0.71 9.95 -19.30
CA VAL C 129 -1.24 8.63 -19.60
C VAL C 129 -2.66 8.58 -19.05
N PRO C 130 -3.66 8.37 -19.93
CA PRO C 130 -5.03 8.34 -19.41
C PRO C 130 -5.36 7.07 -18.65
N SER C 131 -6.36 7.15 -17.78
CA SER C 131 -6.96 5.98 -17.19
C SER C 131 -7.55 5.09 -18.27
N LYS C 132 -7.40 3.78 -18.09
CA LYS C 132 -8.08 2.78 -18.94
C LYS C 132 -9.58 3.05 -19.00
N PHE C 133 -10.14 3.57 -17.90
CA PHE C 133 -11.58 3.70 -17.75
C PHE C 133 -12.10 5.10 -18.04
N ALA C 134 -11.24 5.98 -18.53
CA ALA C 134 -11.61 7.37 -18.78
C ALA C 134 -12.90 7.52 -19.60
N ASN C 135 -13.01 6.76 -20.69
CA ASN C 135 -14.15 6.89 -21.61
C ASN C 135 -15.14 5.73 -21.57
N TYR C 136 -15.04 4.88 -20.54
CA TYR C 136 -15.92 3.72 -20.43
C TYR C 136 -17.39 4.13 -20.21
N THR C 137 -18.27 3.48 -20.96
CA THR C 137 -19.70 3.57 -20.77
C THR C 137 -20.12 2.44 -19.83
N ALA C 138 -21.37 2.45 -19.39
CA ALA C 138 -21.89 1.34 -18.58
C ALA C 138 -21.85 0.04 -19.39
N GLU C 139 -22.15 0.13 -20.69
CA GLU C 139 -22.06 -1.03 -21.59
C GLU C 139 -20.63 -1.58 -21.70
N ASP C 140 -19.64 -0.69 -21.74
CA ASP C 140 -18.23 -1.11 -21.76
C ASP C 140 -17.87 -1.93 -20.51
N PHE C 141 -18.27 -1.44 -19.34
CA PHE C 141 -18.00 -2.15 -18.09
C PHE C 141 -18.74 -3.47 -18.05
N ALA C 142 -20.01 -3.47 -18.47
CA ALA C 142 -20.79 -4.70 -18.56
C ALA C 142 -20.10 -5.74 -19.46
N ALA C 143 -19.67 -5.32 -20.66
CA ALA C 143 -19.00 -6.25 -21.58
C ALA C 143 -17.64 -6.75 -21.06
N GLY C 144 -16.93 -5.89 -20.31
CA GLY C 144 -15.63 -6.25 -19.77
C GLY C 144 -15.66 -7.38 -18.74
N GLY C 145 -16.72 -7.41 -17.93
CA GLY C 145 -16.95 -8.50 -17.01
C GLY C 145 -16.05 -8.51 -15.77
N PHE C 146 -15.38 -7.40 -15.49
CA PHE C 146 -14.53 -7.30 -14.29
C PHE C 146 -15.07 -6.24 -13.34
N ARG C 147 -14.52 -6.16 -12.14
CA ARG C 147 -14.92 -5.14 -11.17
C ARG C 147 -13.77 -4.21 -10.85
N VAL C 148 -14.06 -2.92 -10.72
CA VAL C 148 -13.06 -1.91 -10.37
C VAL C 148 -13.51 -1.27 -9.07
N VAL C 149 -12.97 -1.75 -7.96
CA VAL C 149 -13.40 -1.33 -6.63
C VAL C 149 -12.73 0.01 -6.29
N PRO C 150 -13.51 1.05 -5.97
CA PRO C 150 -12.89 2.36 -5.76
C PRO C 150 -11.93 2.39 -4.56
N PRO C 151 -10.77 3.06 -4.69
CA PRO C 151 -10.24 3.85 -5.81
C PRO C 151 -9.26 3.14 -6.76
N ALA C 152 -9.50 1.88 -7.10
CA ALA C 152 -8.63 1.17 -8.04
C ALA C 152 -8.54 1.87 -9.39
N ILE C 153 -7.41 1.76 -10.06
CA ILE C 153 -7.22 2.32 -11.38
C ILE C 153 -6.28 1.44 -12.20
N ALA C 154 -6.46 1.49 -13.51
CA ALA C 154 -5.52 0.88 -14.46
C ALA C 154 -5.24 1.90 -15.55
N ARG C 155 -4.01 1.90 -16.07
CA ARG C 155 -3.66 2.78 -17.17
C ARG C 155 -4.11 2.20 -18.52
N ARG C 156 -4.53 3.10 -19.39
CA ARG C 156 -4.87 2.78 -20.78
C ARG C 156 -3.71 2.04 -21.42
N GLY C 157 -4.02 0.92 -22.07
CA GLY C 157 -2.98 0.07 -22.63
C GLY C 157 -2.63 -1.12 -21.75
N SER C 158 -3.49 -1.41 -20.77
CA SER C 158 -3.41 -2.65 -20.01
C SER C 158 -4.71 -3.42 -20.21
N PHE C 159 -4.60 -4.74 -20.20
CA PHE C 159 -5.76 -5.61 -20.39
C PHE C 159 -6.20 -6.20 -19.06
N ILE C 160 -7.49 -6.09 -18.79
CA ILE C 160 -8.12 -6.73 -17.64
C ILE C 160 -9.20 -7.70 -18.15
N ALA C 161 -9.02 -9.00 -17.87
CA ALA C 161 -9.92 -10.05 -18.35
C ALA C 161 -11.21 -10.14 -17.54
N LYS C 162 -12.16 -10.91 -18.07
CA LYS C 162 -13.43 -11.16 -17.40
C LYS C 162 -13.19 -11.84 -16.05
N ASN C 163 -14.08 -11.53 -15.10
CA ASN C 163 -14.07 -12.14 -13.77
C ASN C 163 -12.87 -11.74 -12.91
N VAL C 164 -12.15 -10.70 -13.32
CA VAL C 164 -11.09 -10.15 -12.49
C VAL C 164 -11.75 -9.21 -11.48
N VAL C 165 -11.22 -9.18 -10.26
CA VAL C 165 -11.61 -8.19 -9.27
C VAL C 165 -10.40 -7.37 -8.94
N LEU C 166 -10.48 -6.08 -9.24
CA LEU C 166 -9.48 -5.10 -8.80
C LEU C 166 -9.96 -4.41 -7.53
N MET C 167 -9.45 -4.85 -6.39
CA MET C 167 -9.59 -4.10 -5.15
C MET C 167 -8.76 -2.85 -5.39
N PRO C 168 -8.87 -1.84 -4.51
CA PRO C 168 -8.00 -0.70 -4.72
C PRO C 168 -6.56 -1.17 -4.94
N SER C 169 -6.00 -0.78 -6.08
CA SER C 169 -4.77 -1.35 -6.57
C SER C 169 -4.39 -0.59 -7.82
N TYR C 170 -3.20 -0.87 -8.33
CA TYR C 170 -2.69 -0.17 -9.50
C TYR C 170 -2.24 -1.17 -10.54
N THR C 171 -2.72 -0.97 -11.78
CA THR C 171 -2.29 -1.75 -12.93
C THR C 171 -1.69 -0.79 -13.96
N ASN C 172 -0.39 -0.96 -14.20
CA ASN C 172 0.36 -0.05 -15.06
C ASN C 172 0.24 -0.46 -16.54
N ILE C 173 0.66 0.45 -17.41
CA ILE C 173 0.54 0.26 -18.86
C ILE C 173 1.30 -0.97 -19.35
N GLY C 174 0.69 -1.69 -20.30
CA GLY C 174 1.29 -2.89 -20.89
C GLY C 174 1.03 -4.18 -20.13
N ALA C 175 0.46 -4.09 -18.94
CA ALA C 175 0.14 -5.28 -18.15
C ALA C 175 -1.02 -6.06 -18.76
N TYR C 176 -1.05 -7.36 -18.45
CA TYR C 176 -2.09 -8.27 -18.91
C TYR C 176 -2.53 -9.07 -17.70
N VAL C 177 -3.80 -8.93 -17.32
CA VAL C 177 -4.35 -9.62 -16.16
C VAL C 177 -5.49 -10.53 -16.61
N ASP C 178 -5.22 -11.84 -16.62
CA ASP C 178 -6.11 -12.83 -17.23
C ASP C 178 -7.26 -13.23 -16.30
N GLU C 179 -8.17 -14.03 -16.84
CA GLU C 179 -9.49 -14.29 -16.28
C GLU C 179 -9.47 -14.82 -14.85
N GLY C 180 -10.40 -14.31 -14.03
CA GLY C 180 -10.61 -14.86 -12.69
C GLY C 180 -9.59 -14.42 -11.64
N THR C 181 -8.68 -13.53 -12.01
CA THR C 181 -7.62 -13.15 -11.11
C THR C 181 -8.09 -12.11 -10.10
N MET C 182 -7.65 -12.26 -8.85
CA MET C 182 -7.99 -11.31 -7.80
CA MET C 182 -7.97 -11.34 -7.75
C MET C 182 -6.75 -10.49 -7.48
N VAL C 183 -6.89 -9.16 -7.58
CA VAL C 183 -5.82 -8.25 -7.26
C VAL C 183 -6.28 -7.54 -6.01
N ASP C 184 -5.64 -7.81 -4.88
CA ASP C 184 -6.15 -7.34 -3.58
C ASP C 184 -5.66 -5.93 -3.24
N THR C 185 -6.00 -5.46 -2.04
CA THR C 185 -5.89 -4.05 -1.71
C THR C 185 -4.44 -3.58 -1.60
N TRP C 186 -4.13 -2.49 -2.30
CA TRP C 186 -2.79 -1.88 -2.40
C TRP C 186 -1.77 -2.79 -3.04
N ALA C 187 -2.24 -3.73 -3.87
CA ALA C 187 -1.34 -4.47 -4.75
C ALA C 187 -1.01 -3.61 -5.98
N THR C 188 0.05 -4.00 -6.66
CA THR C 188 0.52 -3.35 -7.88
C THR C 188 0.85 -4.37 -8.96
N VAL C 189 0.26 -4.18 -10.13
CA VAL C 189 0.62 -4.93 -11.32
C VAL C 189 1.43 -3.99 -12.21
N GLY C 190 2.75 -4.15 -12.18
CA GLY C 190 3.69 -3.26 -12.85
C GLY C 190 3.67 -3.35 -14.36
N SER C 191 4.39 -2.43 -14.98
CA SER C 191 4.34 -2.27 -16.42
C SER C 191 4.79 -3.55 -17.14
N CYS C 192 3.97 -3.97 -18.11
CA CYS C 192 4.21 -5.16 -18.94
C CYS C 192 4.07 -6.51 -18.24
N ALA C 193 3.76 -6.52 -16.94
CA ALA C 193 3.60 -7.78 -16.20
C ALA C 193 2.53 -8.66 -16.84
N GLN C 194 2.80 -9.98 -16.89
CA GLN C 194 1.85 -10.93 -17.41
C GLN C 194 1.31 -11.77 -16.26
N ILE C 195 0.06 -11.53 -15.90
CA ILE C 195 -0.59 -12.23 -14.79
C ILE C 195 -1.55 -13.25 -15.36
N GLY C 196 -1.41 -14.51 -14.93
CA GLY C 196 -2.19 -15.62 -15.48
C GLY C 196 -3.63 -15.66 -15.01
N LYS C 197 -4.31 -16.76 -15.34
CA LYS C 197 -5.69 -16.98 -14.95
C LYS C 197 -5.77 -17.52 -13.53
N ASN C 198 -6.80 -17.10 -12.81
CA ASN C 198 -7.07 -17.56 -11.45
C ASN C 198 -5.87 -17.40 -10.50
N VAL C 199 -5.16 -16.29 -10.67
CA VAL C 199 -4.07 -15.89 -9.79
C VAL C 199 -4.65 -15.05 -8.65
N HIS C 200 -4.09 -15.21 -7.46
CA HIS C 200 -4.45 -14.39 -6.32
C HIS C 200 -3.24 -13.59 -5.92
N LEU C 201 -3.29 -12.30 -6.22
CA LEU C 201 -2.33 -11.34 -5.72
C LEU C 201 -2.88 -10.75 -4.41
N SER C 202 -2.30 -11.16 -3.29
CA SER C 202 -2.83 -10.75 -1.97
C SER C 202 -2.55 -9.28 -1.67
N GLY C 203 -3.00 -8.80 -0.52
CA GLY C 203 -2.81 -7.41 -0.18
C GLY C 203 -1.37 -6.95 -0.15
N GLY C 204 -1.12 -5.78 -0.70
CA GLY C 204 0.21 -5.16 -0.67
C GLY C 204 1.26 -5.85 -1.53
N VAL C 205 0.83 -6.76 -2.40
CA VAL C 205 1.78 -7.47 -3.26
C VAL C 205 2.21 -6.55 -4.39
N GLY C 206 3.51 -6.49 -4.62
CA GLY C 206 4.07 -5.72 -5.72
C GLY C 206 4.60 -6.62 -6.82
N ILE C 207 4.08 -6.43 -8.03
CA ILE C 207 4.64 -7.10 -9.20
C ILE C 207 5.37 -6.01 -9.97
N GLY C 208 6.68 -6.17 -10.11
CA GLY C 208 7.51 -5.11 -10.68
C GLY C 208 7.27 -4.90 -12.16
N GLY C 209 7.56 -3.68 -12.63
CA GLY C 209 7.54 -3.37 -14.06
C GLY C 209 8.85 -3.71 -14.75
N VAL C 210 8.77 -4.04 -16.04
CA VAL C 210 9.97 -4.20 -16.85
C VAL C 210 9.71 -3.64 -18.24
N LEU C 211 9.51 -2.32 -18.32
CA LEU C 211 9.32 -1.68 -19.63
C LEU C 211 10.67 -1.56 -20.34
N GLU C 212 11.72 -1.36 -19.55
CA GLU C 212 13.09 -1.40 -20.04
C GLU C 212 13.91 -2.30 -19.12
N PRO C 213 14.95 -2.97 -19.64
CA PRO C 213 15.40 -3.00 -21.05
C PRO C 213 14.40 -3.65 -21.99
N LEU C 214 14.41 -3.23 -23.25
CA LEU C 214 13.45 -3.71 -24.24
C LEU C 214 13.42 -5.22 -24.38
N GLN C 215 14.61 -5.84 -24.35
CA GLN C 215 14.74 -7.28 -24.56
C GLN C 215 14.31 -8.10 -23.35
N ALA C 216 14.22 -7.47 -22.20
CA ALA C 216 14.02 -8.18 -20.95
C ALA C 216 12.59 -8.70 -20.82
N ASN C 217 12.45 -9.97 -20.42
CA ASN C 217 11.13 -10.52 -20.08
C ASN C 217 10.50 -9.73 -18.92
N PRO C 218 9.19 -9.46 -19.02
CA PRO C 218 8.55 -8.84 -17.85
C PRO C 218 8.35 -9.86 -16.73
N VAL C 219 7.93 -9.42 -15.56
CA VAL C 219 7.56 -10.35 -14.51
C VAL C 219 6.37 -11.16 -15.01
N ILE C 220 6.44 -12.47 -14.81
CA ILE C 220 5.42 -13.40 -15.26
C ILE C 220 4.95 -14.25 -14.10
N ILE C 221 3.65 -14.19 -13.81
CA ILE C 221 2.99 -15.03 -12.81
C ILE C 221 2.02 -15.93 -13.58
N GLU C 222 2.32 -17.22 -13.62
CA GLU C 222 1.52 -18.17 -14.42
C GLU C 222 0.22 -18.56 -13.70
N ASP C 223 -0.59 -19.36 -14.39
CA ASP C 223 -1.95 -19.66 -13.93
C ASP C 223 -1.98 -20.27 -12.53
N ASN C 224 -3.03 -19.94 -11.78
CA ASN C 224 -3.36 -20.60 -10.52
C ASN C 224 -2.38 -20.33 -9.38
N CYS C 225 -1.51 -19.32 -9.50
CA CYS C 225 -0.58 -19.02 -8.42
C CYS C 225 -1.25 -18.22 -7.30
N PHE C 226 -0.81 -18.50 -6.08
CA PHE C 226 -1.13 -17.69 -4.91
C PHE C 226 0.12 -16.92 -4.47
N ILE C 227 0.01 -15.60 -4.37
CA ILE C 227 1.10 -14.77 -3.87
CA ILE C 227 1.10 -14.76 -3.86
C ILE C 227 0.61 -14.11 -2.58
N GLY C 228 1.23 -14.47 -1.46
CA GLY C 228 0.79 -14.01 -0.14
C GLY C 228 1.07 -12.56 0.13
N ALA C 229 0.40 -12.04 1.15
CA ALA C 229 0.40 -10.61 1.45
C ALA C 229 1.79 -10.03 1.59
N ARG C 230 1.96 -8.84 1.03
CA ARG C 230 3.14 -8.00 1.17
C ARG C 230 4.41 -8.62 0.52
N SER C 231 4.23 -9.59 -0.37
CA SER C 231 5.33 -10.16 -1.12
C SER C 231 5.61 -9.30 -2.36
N GLU C 232 6.74 -9.56 -3.00
CA GLU C 232 7.21 -8.78 -4.14
C GLU C 232 7.85 -9.70 -5.17
N VAL C 233 7.49 -9.51 -6.43
CA VAL C 233 8.14 -10.23 -7.53
C VAL C 233 8.54 -9.19 -8.58
N VAL C 234 9.85 -9.05 -8.80
CA VAL C 234 10.39 -7.97 -9.62
C VAL C 234 11.43 -8.51 -10.61
N GLU C 235 11.84 -7.64 -11.54
CA GLU C 235 13.06 -7.84 -12.34
C GLU C 235 13.02 -9.10 -13.22
N GLY C 236 11.85 -9.39 -13.77
CA GLY C 236 11.68 -10.49 -14.72
C GLY C 236 11.66 -11.88 -14.11
N VAL C 237 11.53 -11.96 -12.80
CA VAL C 237 11.34 -13.27 -12.16
C VAL C 237 10.07 -13.89 -12.72
N ILE C 238 10.10 -15.19 -12.98
CA ILE C 238 8.90 -15.91 -13.37
C ILE C 238 8.48 -16.83 -12.24
N VAL C 239 7.19 -16.80 -11.92
CA VAL C 239 6.62 -17.77 -10.99
C VAL C 239 5.74 -18.70 -11.81
N GLU C 240 6.13 -19.97 -11.91
CA GLU C 240 5.43 -20.93 -12.75
C GLU C 240 4.15 -21.41 -12.09
N GLU C 241 3.29 -22.03 -12.91
CA GLU C 241 1.91 -22.31 -12.52
C GLU C 241 1.76 -23.15 -11.26
N ASN C 242 0.64 -22.94 -10.56
CA ASN C 242 0.27 -23.70 -9.38
C ASN C 242 1.20 -23.50 -8.18
N SER C 243 2.01 -22.44 -8.20
CA SER C 243 2.92 -22.14 -7.10
C SER C 243 2.18 -21.39 -5.99
N VAL C 244 2.68 -21.55 -4.78
CA VAL C 244 2.15 -20.89 -3.59
C VAL C 244 3.28 -20.16 -2.90
N ILE C 245 3.22 -18.84 -2.96
CA ILE C 245 4.20 -17.96 -2.33
CA ILE C 245 4.21 -18.00 -2.31
C ILE C 245 3.57 -17.40 -1.06
N SER C 246 4.24 -17.56 0.08
CA SER C 246 3.71 -17.10 1.35
CA SER C 246 3.66 -17.09 1.34
C SER C 246 3.90 -15.58 1.51
N MET C 247 3.62 -15.06 2.71
CA MET C 247 3.77 -13.65 2.99
C MET C 247 5.21 -13.25 3.11
N GLY C 248 5.49 -12.01 2.73
CA GLY C 248 6.83 -11.45 2.91
C GLY C 248 7.93 -12.13 2.15
N VAL C 249 7.62 -12.61 0.96
CA VAL C 249 8.60 -13.24 0.11
C VAL C 249 8.98 -12.22 -0.95
N TYR C 250 10.27 -11.87 -1.01
CA TYR C 250 10.75 -10.81 -1.90
C TYR C 250 11.65 -11.42 -2.94
N LEU C 251 11.18 -11.49 -4.18
CA LEU C 251 11.89 -12.18 -5.25
C LEU C 251 12.31 -11.23 -6.37
N GLY C 252 13.62 -11.04 -6.49
CA GLY C 252 14.22 -10.28 -7.58
C GLY C 252 15.29 -11.12 -8.21
N GLN C 253 15.98 -10.57 -9.21
CA GLN C 253 16.99 -11.33 -9.97
C GLN C 253 18.15 -11.83 -9.09
N SER C 254 18.40 -11.16 -7.97
CA SER C 254 19.52 -11.53 -7.07
C SER C 254 19.10 -12.32 -5.82
N THR C 255 17.81 -12.58 -5.66
CA THR C 255 17.33 -13.32 -4.50
C THR C 255 17.69 -14.81 -4.59
N LYS C 256 18.43 -15.32 -3.62
CA LYS C 256 18.73 -16.74 -3.59
CA LYS C 256 18.73 -16.75 -3.57
C LYS C 256 17.45 -17.53 -3.33
N ILE C 257 17.20 -18.53 -4.17
CA ILE C 257 16.08 -19.43 -4.01
C ILE C 257 16.70 -20.76 -3.57
N TYR C 258 16.49 -21.11 -2.31
CA TYR C 258 17.07 -22.29 -1.71
C TYR C 258 16.07 -23.45 -1.75
N ASP C 259 16.42 -24.51 -2.46
CA ASP C 259 15.57 -25.69 -2.48
C ASP C 259 15.98 -26.61 -1.33
N ARG C 260 15.07 -26.71 -0.36
CA ARG C 260 15.33 -27.39 0.89
C ARG C 260 15.68 -28.88 0.67
N GLU C 261 14.99 -29.51 -0.26
CA GLU C 261 15.17 -30.94 -0.51
C GLU C 261 16.54 -31.24 -1.14
N THR C 262 16.94 -30.43 -2.12
CA THR C 262 18.14 -30.72 -2.91
C THR C 262 19.39 -29.97 -2.44
N GLY C 263 19.19 -28.91 -1.67
CA GLY C 263 20.29 -28.07 -1.22
C GLY C 263 20.77 -27.07 -2.26
N GLU C 264 20.09 -27.01 -3.40
CA GLU C 264 20.52 -26.16 -4.52
C GLU C 264 19.98 -24.75 -4.40
N VAL C 265 20.82 -23.78 -4.78
CA VAL C 265 20.45 -22.38 -4.83
C VAL C 265 20.29 -21.99 -6.30
N THR C 266 19.16 -21.39 -6.63
CA THR C 266 18.90 -20.91 -7.98
C THR C 266 18.39 -19.46 -7.92
N TYR C 267 18.23 -18.85 -9.09
CA TYR C 267 17.78 -17.46 -9.19
C TYR C 267 16.80 -17.31 -10.34
N GLY C 268 15.82 -16.44 -10.15
CA GLY C 268 14.99 -15.94 -11.25
C GLY C 268 13.77 -16.73 -11.66
N ARG C 269 13.54 -17.89 -11.03
CA ARG C 269 12.46 -18.78 -11.44
CA ARG C 269 12.48 -18.80 -11.45
C ARG C 269 11.95 -19.61 -10.28
N ILE C 270 10.64 -19.61 -10.09
CA ILE C 270 9.99 -20.50 -9.13
C ILE C 270 9.37 -21.64 -9.91
N PRO C 271 9.91 -22.87 -9.77
CA PRO C 271 9.36 -23.97 -10.57
C PRO C 271 7.90 -24.29 -10.26
N ALA C 272 7.19 -24.79 -11.27
CA ALA C 272 5.76 -25.05 -11.17
C ALA C 272 5.47 -25.88 -9.92
N GLY C 273 4.45 -25.47 -9.18
CA GLY C 273 3.99 -26.20 -8.02
C GLY C 273 4.84 -26.06 -6.77
N SER C 274 5.71 -25.06 -6.72
CA SER C 274 6.54 -24.81 -5.54
C SER C 274 5.74 -24.13 -4.44
N VAL C 275 6.00 -24.51 -3.20
CA VAL C 275 5.55 -23.78 -2.00
C VAL C 275 6.77 -23.05 -1.44
N VAL C 276 6.69 -21.72 -1.37
CA VAL C 276 7.83 -20.85 -1.09
C VAL C 276 7.56 -19.99 0.14
N VAL C 277 8.53 -19.98 1.07
CA VAL C 277 8.45 -19.18 2.27
C VAL C 277 9.71 -18.34 2.45
N ALA C 278 9.62 -17.31 3.27
CA ALA C 278 10.78 -16.49 3.60
C ALA C 278 11.70 -17.25 4.54
N GLY C 279 13.01 -17.09 4.31
CA GLY C 279 14.04 -17.75 5.10
C GLY C 279 15.32 -16.94 5.15
N ASN C 280 16.37 -17.56 5.69
CA ASN C 280 17.70 -16.96 5.69
C ASN C 280 18.70 -18.11 5.44
N LEU C 281 19.87 -17.75 4.92
CA LEU C 281 20.98 -18.67 4.78
C LEU C 281 22.14 -18.17 5.67
N PRO C 282 22.78 -19.09 6.41
CA PRO C 282 23.81 -18.68 7.37
C PRO C 282 25.13 -18.29 6.72
N ALA C 283 25.74 -17.21 7.22
CA ALA C 283 27.11 -16.90 6.86
C ALA C 283 28.01 -18.03 7.34
N LYS C 284 29.03 -18.34 6.55
CA LYS C 284 29.97 -19.41 6.90
C LYS C 284 30.57 -19.21 8.29
N ASP C 285 30.79 -17.95 8.69
CA ASP C 285 31.43 -17.67 9.98
C ASP C 285 30.48 -17.66 11.17
N GLY C 286 29.20 -17.91 10.92
CA GLY C 286 28.22 -18.08 11.98
C GLY C 286 27.80 -16.80 12.68
N THR C 287 28.21 -15.64 12.16
CA THR C 287 27.95 -14.36 12.84
C THR C 287 26.56 -13.77 12.51
N HIS C 288 26.02 -14.17 11.37
CA HIS C 288 24.75 -13.65 10.89
C HIS C 288 24.23 -14.53 9.79
N SER C 289 23.05 -14.18 9.29
CA SER C 289 22.47 -14.88 8.14
C SER C 289 21.81 -13.85 7.22
N LEU C 290 21.63 -14.22 5.96
CA LEU C 290 21.07 -13.30 4.97
C LEU C 290 19.78 -13.82 4.39
N TYR C 291 18.89 -12.89 4.07
CA TYR C 291 17.58 -13.21 3.54
C TYR C 291 17.63 -14.07 2.28
N CYS C 292 16.73 -15.04 2.20
CA CYS C 292 16.50 -15.80 0.98
C CYS C 292 15.04 -16.28 0.92
N ALA C 293 14.66 -16.88 -0.21
CA ALA C 293 13.42 -17.62 -0.35
C ALA C 293 13.77 -19.09 -0.25
N VAL C 294 12.87 -19.88 0.32
CA VAL C 294 13.08 -21.31 0.48
C VAL C 294 11.89 -22.07 -0.07
N ILE C 295 12.15 -22.95 -1.05
CA ILE C 295 11.14 -23.87 -1.55
C ILE C 295 11.05 -24.99 -0.53
N VAL C 296 9.91 -25.10 0.14
CA VAL C 296 9.74 -26.07 1.24
C VAL C 296 8.98 -27.33 0.82
N LYS C 297 8.24 -27.25 -0.28
CA LYS C 297 7.41 -28.36 -0.76
C LYS C 297 7.16 -28.19 -2.25
N LYS C 298 6.92 -29.29 -2.94
CA LYS C 298 6.60 -29.30 -4.37
C LYS C 298 5.34 -30.13 -4.56
N VAL C 299 4.35 -29.55 -5.21
CA VAL C 299 2.99 -30.12 -5.23
C VAL C 299 2.46 -30.24 -6.65
N ASP C 300 1.49 -31.14 -6.85
CA ASP C 300 0.75 -31.26 -8.12
C ASP C 300 -0.03 -32.58 -8.18
C1 EDO D . -15.04 -9.55 0.60
O1 EDO D . -14.03 -9.89 1.55
C2 EDO D . -15.09 -8.03 0.38
O2 EDO D . -13.97 -7.56 -0.40
S SO4 E . 2.19 7.29 7.89
O1 SO4 E . 0.77 7.68 7.79
O2 SO4 E . 2.43 5.99 7.22
O3 SO4 E . 3.08 8.27 7.23
O4 SO4 E . 2.59 7.17 9.32
S SO4 F . -25.23 -17.33 14.39
O1 SO4 F . -25.69 -16.51 13.24
O2 SO4 F . -25.09 -18.75 13.99
O3 SO4 F . -23.89 -16.90 14.88
O4 SO4 F . -26.21 -17.23 15.50
S SO4 G . -24.74 18.89 3.18
O1 SO4 G . -24.42 19.90 2.15
O2 SO4 G . -26.06 19.20 3.79
O3 SO4 G . -24.81 17.56 2.53
O4 SO4 G . -23.70 18.91 4.22
S SO4 H . -42.63 -8.58 -2.38
O1 SO4 H . -41.56 -7.73 -2.95
O2 SO4 H . -43.93 -8.20 -2.97
O3 SO4 H . -42.35 -10.01 -2.66
O4 SO4 H . -42.68 -8.37 -0.92
S SO4 I . -20.01 -9.93 -9.90
O1 SO4 I . -20.34 -8.49 -9.86
O2 SO4 I . -21.05 -10.66 -10.67
O3 SO4 I . -18.70 -10.12 -10.56
O4 SO4 I . -19.92 -10.48 -8.53
S SO4 J . -11.00 -15.19 23.47
O1 SO4 J . -10.81 -16.04 24.66
O2 SO4 J . -12.12 -14.26 23.71
O3 SO4 J . -9.76 -14.42 23.23
O4 SO4 J . -11.32 -16.02 22.30
C1 EDO K . -17.25 0.64 25.32
O1 EDO K . -16.82 -0.43 26.16
C2 EDO K . -17.89 0.07 24.07
O2 EDO K . -18.25 1.13 23.18
C1 EDO L . -18.52 -22.20 5.86
O1 EDO L . -18.71 -20.89 5.32
C2 EDO L . -19.26 -22.34 7.19
O2 EDO L . -18.41 -22.00 8.28
UNL UNL M . 4.93 -3.45 2.91
UNL UNL N . -22.76 -18.59 -2.14
C1 EDO O . -37.22 -14.66 17.51
O1 EDO O . -37.15 -14.97 18.91
C2 EDO O . -38.68 -14.75 17.06
O2 EDO O . -38.72 -14.70 15.63
C1 EDO P . 0.33 14.39 9.91
O1 EDO P . -0.37 13.26 9.34
C2 EDO P . 0.81 14.05 11.33
O2 EDO P . 2.17 13.63 11.30
S SO4 Q . 6.11 0.63 -9.35
O1 SO4 Q . 5.72 2.03 -9.60
O2 SO4 Q . 5.33 -0.32 -10.16
O3 SO4 Q . 7.55 0.46 -9.67
O4 SO4 Q . 5.93 0.26 -7.92
S SO4 R . 14.19 26.49 16.61
O1 SO4 R . 15.01 27.67 16.28
O2 SO4 R . 12.80 26.73 16.14
O3 SO4 R . 14.78 25.30 15.97
O4 SO4 R . 14.13 26.30 18.08
S SO4 S . -6.80 26.75 -15.37
O1 SO4 S . -6.82 27.66 -14.21
O2 SO4 S . -7.63 27.29 -16.46
O3 SO4 S . -5.41 26.56 -15.86
O4 SO4 S . -7.33 25.45 -14.93
S SO4 T . -7.20 40.49 15.18
O1 SO4 T . -7.68 41.88 15.02
O2 SO4 T . -8.20 39.55 14.61
O3 SO4 T . -5.93 40.33 14.45
O4 SO4 T . -7.00 40.19 16.61
UNL UNL U . 25.45 -4.68 -6.79
S SO4 V . -7.48 -7.48 1.03
O1 SO4 V . -8.14 -6.96 2.25
O2 SO4 V . -8.18 -6.99 -0.18
O3 SO4 V . -6.08 -7.04 1.01
O4 SO4 V . -7.49 -8.97 1.10
S SO4 W . 10.55 -7.98 -31.67
O1 SO4 W . 9.80 -6.70 -31.65
O2 SO4 W . 10.02 -8.84 -32.76
O3 SO4 W . 11.97 -7.67 -31.91
O4 SO4 W . 10.41 -8.72 -30.40
S SO4 X . -23.03 5.94 -20.54
O1 SO4 X . -24.15 6.75 -20.01
O2 SO4 X . -23.16 5.85 -22.01
O3 SO4 X . -21.75 6.59 -20.22
O4 SO4 X . -23.09 4.59 -19.92
S SO4 Y . 18.47 2.54 -29.96
O1 SO4 Y . 19.00 3.79 -29.39
O2 SO4 Y . 17.83 2.84 -31.26
O3 SO4 Y . 19.58 1.59 -30.15
O4 SO4 Y . 17.46 1.95 -29.04
C1 EDO Z . 5.89 -17.10 6.40
O1 EDO Z . 5.14 -15.88 6.37
C2 EDO Z . 7.21 -16.86 5.68
O2 EDO Z . 7.00 -16.62 4.28
UNL UNL AA . -0.24 -26.22 1.79
#